data_3MFQ
#
_entry.id   3MFQ
#
_cell.length_a   102.360
_cell.length_b   102.360
_cell.length_c   107.333
_cell.angle_alpha   90.00
_cell.angle_beta   90.00
_cell.angle_gamma   90.00
#
_symmetry.space_group_name_H-M   'P 43'
#
loop_
_entity.id
_entity.type
_entity.pdbx_description
1 polymer 'High-affinity zinc uptake system protein znuA'
2 non-polymer 'ZINC ION'
3 water water
#
_entity_poly.entity_id   1
_entity_poly.type   'polypeptide(L)'
_entity_poly.pdbx_seq_one_letter_code
;TEGSSKPRVAVTTSFLNDMVYQLAGDEVERDLLIPAGEDPHLYVAKSSDLSKLQKADLVLYHGLHFEGKMVEALEKTGVA
VSKNFNAKDLNTMDEDGEEIVDPHFWFSIPLYKSAVAVASEELQKLLPAKAEMIQKNTEKYQAQLDDLHAWVEKELSVIP
KESRYLVTPHDAFNYFAASYDFTLYAPQGVSTDSEVANSDMIETVNLIIDHNIKAIFTESTTNPERMKKLQEAVKAKGGQ
VEVVTGEGKELFSDSLAPEGEEGDTFIDMYKHNVKLMVKYLK
;
_entity_poly.pdbx_strand_id   A,B,C
#
# COMPACT_ATOMS: atom_id res chain seq x y z
N SER A 5 22.03 2.43 3.44
CA SER A 5 21.80 3.42 4.47
C SER A 5 20.32 3.48 4.84
N LYS A 6 19.46 3.62 3.84
CA LYS A 6 18.01 3.61 4.04
C LYS A 6 17.56 2.37 4.81
N PRO A 7 16.65 2.56 5.78
CA PRO A 7 16.09 1.43 6.54
C PRO A 7 15.50 0.38 5.61
N ARG A 8 15.67 -0.89 5.98
CA ARG A 8 15.16 -1.99 5.18
C ARG A 8 13.96 -2.63 5.86
N VAL A 9 12.81 -2.58 5.18
CA VAL A 9 11.58 -3.14 5.71
C VAL A 9 11.05 -4.24 4.82
N ALA A 10 11.18 -5.49 5.27
CA ALA A 10 10.72 -6.65 4.52
C ALA A 10 9.20 -6.70 4.53
N VAL A 11 8.62 -7.09 3.40
CA VAL A 11 7.19 -6.98 3.25
C VAL A 11 6.66 -8.19 2.50
N THR A 12 5.68 -8.86 3.10
CA THR A 12 5.23 -10.15 2.60
C THR A 12 4.49 -10.05 1.27
N THR A 13 3.43 -9.24 1.23
CA THR A 13 2.59 -9.18 0.04
C THR A 13 2.60 -7.81 -0.62
N SER A 14 2.15 -7.78 -1.87
CA SER A 14 2.06 -6.54 -2.62
C SER A 14 1.17 -5.54 -1.91
N PHE A 15 0.25 -6.03 -1.08
CA PHE A 15 -0.61 -5.16 -0.30
C PHE A 15 0.24 -4.24 0.54
N LEU A 16 1.06 -4.86 1.37
CA LEU A 16 1.92 -4.10 2.27
C LEU A 16 2.88 -3.25 1.45
N ASN A 17 3.45 -3.84 0.40
CA ASN A 17 4.32 -3.11 -0.51
C ASN A 17 3.77 -1.74 -0.91
N ASP A 18 2.47 -1.69 -1.19
CA ASP A 18 1.81 -0.44 -1.53
C ASP A 18 1.68 0.45 -0.30
N MET A 19 1.08 -0.10 0.74
CA MET A 19 0.86 0.63 1.98
C MET A 19 2.09 1.42 2.41
N VAL A 20 3.20 0.74 2.62
CA VAL A 20 4.42 1.37 3.08
C VAL A 20 4.85 2.52 2.18
N TYR A 21 4.82 2.30 0.88
CA TYR A 21 5.15 3.36 -0.04
C TYR A 21 4.22 4.55 0.16
N GLN A 22 2.92 4.25 0.25
CA GLN A 22 1.92 5.29 0.46
C GLN A 22 2.27 6.11 1.69
N LEU A 23 2.79 5.43 2.70
CA LEU A 23 3.10 6.08 3.97
C LEU A 23 4.52 6.64 3.98
N ALA A 24 5.49 5.76 3.78
CA ALA A 24 6.90 6.12 3.92
C ALA A 24 7.50 6.69 2.64
N GLY A 25 6.75 6.61 1.54
CA GLY A 25 7.24 7.07 0.27
C GLY A 25 8.57 6.42 -0.08
N ASP A 26 9.54 7.25 -0.49
CA ASP A 26 10.85 6.75 -0.88
C ASP A 26 11.83 6.81 0.28
N GLU A 27 11.31 6.96 1.50
CA GLU A 27 12.17 7.14 2.67
C GLU A 27 12.76 5.83 3.18
N VAL A 28 12.08 4.71 2.92
CA VAL A 28 12.59 3.41 3.33
C VAL A 28 12.86 2.52 2.12
N GLU A 29 13.48 1.37 2.37
CA GLU A 29 13.81 0.43 1.29
C GLU A 29 13.02 -0.87 1.42
N ARG A 30 12.11 -1.10 0.48
CA ARG A 30 11.15 -2.20 0.60
C ARG A 30 11.61 -3.55 0.01
N ASP A 31 11.44 -4.60 0.81
CA ASP A 31 11.82 -5.96 0.39
C ASP A 31 10.59 -6.85 0.27
N LEU A 32 9.95 -6.80 -0.89
CA LEU A 32 8.78 -7.64 -1.13
C LEU A 32 9.18 -9.10 -1.25
N LEU A 33 8.54 -9.95 -0.46
CA LEU A 33 8.86 -11.37 -0.47
C LEU A 33 7.99 -12.12 -1.46
N ILE A 34 6.68 -12.01 -1.30
CA ILE A 34 5.74 -12.68 -2.18
C ILE A 34 5.36 -11.79 -3.37
N PRO A 35 5.83 -12.18 -4.57
CA PRO A 35 5.59 -11.41 -5.80
C PRO A 35 4.11 -11.30 -6.12
N ALA A 36 3.68 -10.12 -6.56
CA ALA A 36 2.30 -9.91 -6.95
C ALA A 36 1.87 -11.00 -7.94
N GLY A 37 0.70 -11.56 -7.72
CA GLY A 37 0.19 -12.61 -8.57
C GLY A 37 0.35 -13.98 -7.96
N GLU A 38 1.15 -14.07 -6.91
CA GLU A 38 1.34 -15.32 -6.18
C GLU A 38 0.41 -15.42 -4.98
N ASP A 39 0.32 -16.60 -4.40
CA ASP A 39 -0.64 -16.87 -3.33
C ASP A 39 0.06 -17.10 -2.00
N PRO A 40 -0.09 -16.14 -1.07
CA PRO A 40 0.51 -16.23 0.26
C PRO A 40 0.05 -17.46 1.04
N HIS A 41 -1.16 -17.95 0.75
CA HIS A 41 -1.66 -19.15 1.41
C HIS A 41 -0.70 -20.31 1.25
N LEU A 42 -0.01 -20.34 0.11
CA LEU A 42 0.81 -21.49 -0.26
C LEU A 42 2.30 -21.18 -0.24
N TYR A 43 2.64 -19.90 -0.29
CA TYR A 43 4.03 -19.49 -0.39
C TYR A 43 4.88 -20.16 0.68
N VAL A 44 6.00 -20.76 0.26
CA VAL A 44 6.92 -21.37 1.19
C VAL A 44 8.23 -20.58 1.24
N ALA A 45 8.55 -20.09 2.43
CA ALA A 45 9.75 -19.28 2.62
C ALA A 45 11.00 -20.05 2.22
N LYS A 46 11.73 -19.50 1.25
CA LYS A 46 13.00 -20.09 0.81
C LYS A 46 14.14 -19.42 1.56
N SER A 47 15.31 -20.04 1.50
CA SER A 47 16.52 -19.48 2.12
C SER A 47 16.58 -17.97 1.93
N SER A 48 16.56 -17.53 0.68
CA SER A 48 16.64 -16.10 0.36
C SER A 48 15.59 -15.31 1.13
N ASP A 49 14.38 -15.85 1.21
CA ASP A 49 13.31 -15.20 1.95
C ASP A 49 13.68 -15.02 3.42
N LEU A 50 13.96 -16.12 4.09
CA LEU A 50 14.39 -16.06 5.49
C LEU A 50 15.54 -15.07 5.65
N SER A 51 16.40 -15.01 4.64
CA SER A 51 17.51 -14.07 4.65
C SER A 51 16.98 -12.64 4.66
N LYS A 52 16.04 -12.35 3.77
CA LYS A 52 15.42 -11.03 3.70
C LYS A 52 14.83 -10.62 5.05
N LEU A 53 14.18 -11.56 5.73
CA LEU A 53 13.60 -11.29 7.03
C LEU A 53 14.68 -10.95 8.04
N GLN A 54 15.79 -11.70 7.96
CA GLN A 54 16.89 -11.55 8.90
C GLN A 54 17.62 -10.22 8.69
N LYS A 55 17.86 -9.87 7.43
CA LYS A 55 18.57 -8.64 7.09
C LYS A 55 17.70 -7.41 7.30
N ALA A 56 16.40 -7.62 7.48
CA ALA A 56 15.45 -6.52 7.60
C ALA A 56 15.54 -5.79 8.94
N ASP A 57 15.40 -4.48 8.90
CA ASP A 57 15.34 -3.67 10.10
C ASP A 57 13.92 -3.73 10.67
N LEU A 58 12.96 -3.94 9.77
CA LEU A 58 11.56 -4.05 10.15
C LEU A 58 10.87 -5.02 9.21
N VAL A 59 10.08 -5.94 9.76
CA VAL A 59 9.32 -6.88 8.96
C VAL A 59 7.83 -6.70 9.19
N LEU A 60 7.07 -6.50 8.11
CA LEU A 60 5.62 -6.30 8.22
C LEU A 60 4.84 -7.37 7.47
N TYR A 61 3.79 -7.88 8.11
CA TYR A 61 2.95 -8.90 7.48
C TYR A 61 1.50 -8.80 7.96
N HIS A 62 0.61 -9.50 7.26
CA HIS A 62 -0.82 -9.49 7.57
C HIS A 62 -1.10 -10.16 8.91
N GLY A 63 -0.79 -11.45 8.98
CA GLY A 63 -1.12 -12.25 10.14
C GLY A 63 -2.34 -13.11 9.85
N LEU A 64 -3.02 -13.55 10.90
CA LEU A 64 -4.21 -14.37 10.75
C LEU A 64 -3.94 -15.59 9.89
N HIS A 65 -2.68 -16.04 9.88
CA HIS A 65 -2.29 -17.22 9.11
C HIS A 65 -2.48 -17.02 7.61
N PHE A 66 -2.56 -15.75 7.19
CA PHE A 66 -2.71 -15.45 5.76
C PHE A 66 -1.53 -16.04 4.98
N GLU A 67 -0.32 -15.70 5.40
CA GLU A 67 0.88 -16.27 4.79
C GLU A 67 0.87 -17.79 4.89
N GLY A 68 0.11 -18.31 5.85
CA GLY A 68 -0.18 -19.73 5.93
C GLY A 68 1.00 -20.67 6.17
N LYS A 69 2.14 -20.37 5.55
CA LYS A 69 3.30 -21.25 5.67
C LYS A 69 4.55 -20.52 6.15
N MET A 70 4.36 -19.44 6.90
CA MET A 70 5.47 -18.70 7.47
C MET A 70 5.12 -18.11 8.83
N VAL A 71 4.06 -18.65 9.45
CA VAL A 71 3.65 -18.16 10.75
C VAL A 71 4.78 -18.31 11.75
N GLU A 72 5.46 -19.45 11.72
CA GLU A 72 6.56 -19.71 12.65
C GLU A 72 7.87 -19.00 12.32
N ALA A 73 7.79 -18.03 11.43
CA ALA A 73 8.93 -17.21 11.07
C ALA A 73 8.63 -15.73 11.13
N LEU A 74 7.39 -15.37 10.77
CA LEU A 74 6.95 -13.99 10.80
C LEU A 74 6.66 -13.59 12.24
N GLU A 75 5.98 -14.48 12.97
CA GLU A 75 5.65 -14.20 14.37
C GLU A 75 6.91 -13.98 15.18
N LYS A 76 8.02 -14.52 14.70
CA LYS A 76 9.29 -14.45 15.42
C LYS A 76 9.98 -13.12 15.20
N THR A 77 9.94 -12.64 13.96
CA THR A 77 10.75 -11.49 13.58
C THR A 77 9.94 -10.26 13.17
N GLY A 78 8.66 -10.45 12.85
CA GLY A 78 7.88 -9.39 12.25
C GLY A 78 6.71 -8.86 13.06
N VAL A 79 6.08 -7.81 12.52
CA VAL A 79 4.91 -7.19 13.14
C VAL A 79 3.70 -7.34 12.24
N ALA A 80 2.67 -8.01 12.76
CA ALA A 80 1.42 -8.16 12.01
C ALA A 80 0.65 -6.85 12.08
N VAL A 81 0.26 -6.34 10.92
CA VAL A 81 -0.46 -5.08 10.86
C VAL A 81 -1.87 -5.24 11.44
N SER A 82 -2.20 -6.47 11.82
CA SER A 82 -3.51 -6.77 12.38
C SER A 82 -3.41 -7.04 13.88
N LYS A 83 -2.36 -6.52 14.51
CA LYS A 83 -2.12 -6.79 15.92
C LYS A 83 -3.16 -6.13 16.82
N ASN A 84 -3.80 -5.08 16.30
CA ASN A 84 -4.77 -4.33 17.09
C ASN A 84 -6.20 -4.82 16.97
N PHE A 85 -6.47 -5.66 15.97
CA PHE A 85 -7.80 -6.20 15.77
C PHE A 85 -8.35 -6.79 17.07
N ASN A 86 -9.67 -6.74 17.22
CA ASN A 86 -10.32 -7.36 18.36
C ASN A 86 -11.13 -8.57 17.92
N ALA A 87 -11.66 -9.31 18.88
CA ALA A 87 -12.40 -10.52 18.56
C ALA A 87 -13.53 -10.26 17.57
N LYS A 88 -14.40 -9.33 17.91
CA LYS A 88 -15.58 -9.04 17.11
C LYS A 88 -15.26 -8.57 15.69
N ASP A 89 -14.06 -8.04 15.49
CA ASP A 89 -13.64 -7.61 14.17
C ASP A 89 -13.45 -8.83 13.27
N LEU A 90 -13.12 -9.95 13.90
CA LEU A 90 -12.73 -11.14 13.16
C LEU A 90 -13.91 -11.84 12.52
N ASN A 91 -13.66 -12.43 11.35
CA ASN A 91 -14.61 -13.34 10.73
C ASN A 91 -14.13 -14.75 11.00
N THR A 92 -15.03 -15.63 11.44
CA THR A 92 -14.62 -16.97 11.80
C THR A 92 -15.51 -18.06 11.21
N MET A 93 -14.88 -19.05 10.59
CA MET A 93 -15.62 -20.18 10.04
C MET A 93 -15.21 -21.46 10.75
N ASP A 94 -15.57 -22.60 10.17
CA ASP A 94 -15.26 -23.90 10.75
C ASP A 94 -14.46 -24.78 9.80
N GLU A 95 -13.61 -25.63 10.36
CA GLU A 95 -12.80 -26.53 9.54
C GLU A 95 -12.18 -27.57 10.47
N ASP A 96 -12.76 -28.76 10.50
CA ASP A 96 -12.24 -29.88 11.29
C ASP A 96 -12.02 -29.57 12.77
N GLY A 97 -13.03 -29.01 13.43
CA GLY A 97 -12.92 -28.64 14.83
C GLY A 97 -12.37 -27.23 14.71
N GLU A 98 -12.08 -26.61 15.86
CA GLU A 98 -11.60 -25.23 15.95
C GLU A 98 -12.55 -24.09 15.60
N GLU A 99 -12.00 -22.89 15.54
CA GLU A 99 -12.69 -21.68 15.13
C GLU A 99 -11.68 -20.90 14.32
N ILE A 100 -11.74 -21.06 13.00
CA ILE A 100 -10.63 -20.70 12.12
C ILE A 100 -10.96 -19.26 11.75
N VAL A 101 -9.94 -18.41 11.75
CA VAL A 101 -10.11 -16.99 11.42
C VAL A 101 -9.98 -16.73 9.92
N ASP A 102 -10.79 -15.82 9.41
CA ASP A 102 -10.72 -15.40 8.02
C ASP A 102 -9.71 -14.26 7.88
N PRO A 103 -8.63 -14.49 7.12
CA PRO A 103 -7.52 -13.55 7.00
C PRO A 103 -7.79 -12.35 6.08
N HIS A 104 -8.82 -12.45 5.25
CA HIS A 104 -9.08 -11.43 4.23
C HIS A 104 -9.72 -10.18 4.82
N PHE A 105 -9.06 -9.56 5.78
CA PHE A 105 -9.59 -8.41 6.50
C PHE A 105 -9.54 -7.11 5.70
N TRP A 106 -8.70 -7.07 4.68
CA TRP A 106 -8.41 -5.82 3.96
C TRP A 106 -9.57 -5.25 3.15
N PHE A 107 -10.59 -6.08 2.89
CA PHE A 107 -11.77 -5.61 2.17
C PHE A 107 -12.75 -4.91 3.12
N SER A 108 -12.50 -5.02 4.41
CA SER A 108 -13.22 -4.21 5.39
C SER A 108 -12.40 -2.95 5.62
N ILE A 109 -12.66 -1.94 4.80
CA ILE A 109 -11.90 -0.69 4.86
C ILE A 109 -11.55 -0.24 6.28
N PRO A 110 -12.52 -0.33 7.20
CA PRO A 110 -12.19 0.01 8.59
C PRO A 110 -11.00 -0.79 9.10
N LEU A 111 -11.04 -2.10 8.90
CA LEU A 111 -9.95 -2.98 9.30
C LEU A 111 -8.64 -2.61 8.62
N TYR A 112 -8.72 -2.24 7.35
CA TYR A 112 -7.53 -1.87 6.61
C TYR A 112 -6.95 -0.56 7.14
N LYS A 113 -7.82 0.39 7.43
CA LYS A 113 -7.40 1.65 8.04
C LYS A 113 -6.68 1.37 9.35
N SER A 114 -7.14 0.35 10.06
CA SER A 114 -6.50 -0.07 11.30
C SER A 114 -5.08 -0.53 11.00
N ALA A 115 -4.95 -1.43 10.03
CA ALA A 115 -3.65 -1.94 9.62
C ALA A 115 -2.72 -0.79 9.24
N VAL A 116 -3.24 0.13 8.45
CA VAL A 116 -2.49 1.32 8.04
C VAL A 116 -1.90 2.03 9.25
N ALA A 117 -2.67 2.08 10.34
CA ALA A 117 -2.24 2.75 11.56
C ALA A 117 -1.03 2.07 12.18
N VAL A 118 -1.11 0.75 12.33
CA VAL A 118 -0.01 -0.04 12.87
C VAL A 118 1.25 0.17 12.03
N ALA A 119 1.10 0.09 10.71
CA ALA A 119 2.20 0.28 9.79
C ALA A 119 2.83 1.65 9.97
N SER A 120 1.98 2.66 10.11
CA SER A 120 2.44 4.03 10.34
C SER A 120 3.30 4.11 11.59
N GLU A 121 2.80 3.55 12.68
CA GLU A 121 3.47 3.65 13.98
C GLU A 121 4.75 2.82 14.04
N GLU A 122 4.93 1.96 13.05
CA GLU A 122 6.15 1.15 12.96
C GLU A 122 7.19 1.81 12.06
N LEU A 123 6.73 2.57 11.07
CA LEU A 123 7.63 3.35 10.24
C LEU A 123 8.07 4.58 11.03
N GLN A 124 7.15 5.25 11.68
CA GLN A 124 7.52 6.15 12.76
C GLN A 124 8.16 5.18 13.72
N LYS A 125 9.03 5.68 14.60
CA LYS A 125 9.81 4.82 15.49
C LYS A 125 10.89 4.04 14.75
N LEU A 126 10.88 4.13 13.43
CA LEU A 126 11.92 3.51 12.62
C LEU A 126 12.66 4.71 12.02
N LEU A 127 11.90 5.75 11.73
CA LEU A 127 12.44 6.99 11.22
C LEU A 127 12.00 8.16 12.08
N PRO A 128 12.62 8.32 13.26
CA PRO A 128 12.28 9.40 14.19
C PRO A 128 12.28 10.77 13.52
N ALA A 129 13.17 10.96 12.55
CA ALA A 129 13.30 12.23 11.87
C ALA A 129 12.20 12.43 10.82
N LYS A 130 11.64 11.32 10.34
CA LYS A 130 10.57 11.38 9.36
C LYS A 130 9.21 10.99 9.94
N ALA A 131 9.10 11.03 11.25
CA ALA A 131 7.87 10.63 11.94
C ALA A 131 6.68 11.54 11.61
N GLU A 132 6.87 12.85 11.79
CA GLU A 132 5.81 13.80 11.50
C GLU A 132 5.45 13.77 10.02
N MET A 133 6.46 13.75 9.17
CA MET A 133 6.26 13.63 7.73
C MET A 133 5.38 12.42 7.43
N ILE A 134 5.75 11.29 8.01
CA ILE A 134 4.99 10.06 7.84
C ILE A 134 3.57 10.16 8.39
N GLN A 135 3.44 10.75 9.57
CA GLN A 135 2.12 10.96 10.16
C GLN A 135 1.26 11.78 9.22
N LYS A 136 1.86 12.79 8.62
CA LYS A 136 1.19 13.63 7.64
C LYS A 136 0.76 12.79 6.44
N ASN A 137 1.67 11.93 5.98
CA ASN A 137 1.36 11.02 4.90
C ASN A 137 0.24 10.05 5.27
N THR A 138 0.28 9.57 6.52
CA THR A 138 -0.71 8.63 7.01
C THR A 138 -2.11 9.23 6.99
N GLU A 139 -2.22 10.45 7.50
CA GLU A 139 -3.51 11.13 7.55
C GLU A 139 -4.11 11.28 6.15
N LYS A 140 -3.26 11.61 5.17
CA LYS A 140 -3.72 11.79 3.80
C LYS A 140 -4.23 10.49 3.20
N TYR A 141 -3.62 9.37 3.58
CA TYR A 141 -4.06 8.08 3.06
C TYR A 141 -5.28 7.55 3.80
N GLN A 142 -5.35 7.84 5.10
CA GLN A 142 -6.53 7.49 5.87
C GLN A 142 -7.76 8.14 5.25
N ALA A 143 -7.64 9.41 4.93
CA ALA A 143 -8.72 10.17 4.32
C ALA A 143 -9.07 9.61 2.95
N GLN A 144 -8.05 9.17 2.22
CA GLN A 144 -8.27 8.58 0.90
C GLN A 144 -9.03 7.27 1.03
N LEU A 145 -8.76 6.54 2.11
CA LEU A 145 -9.48 5.31 2.40
C LEU A 145 -10.92 5.65 2.77
N ASP A 146 -11.11 6.77 3.47
CA ASP A 146 -12.43 7.26 3.82
C ASP A 146 -13.25 7.55 2.57
N ASP A 147 -12.71 8.38 1.69
CA ASP A 147 -13.35 8.71 0.43
C ASP A 147 -13.65 7.45 -0.36
N LEU A 148 -12.72 6.50 -0.31
CA LEU A 148 -12.88 5.23 -1.00
C LEU A 148 -14.13 4.48 -0.55
N HIS A 149 -14.34 4.41 0.75
CA HIS A 149 -15.49 3.70 1.30
C HIS A 149 -16.79 4.29 0.78
N ALA A 150 -16.83 5.62 0.65
CA ALA A 150 -18.00 6.30 0.13
C ALA A 150 -18.19 5.98 -1.35
N TRP A 151 -17.07 5.84 -2.07
CA TRP A 151 -17.10 5.53 -3.49
C TRP A 151 -17.69 4.16 -3.74
N VAL A 152 -17.22 3.17 -2.98
CA VAL A 152 -17.69 1.80 -3.12
C VAL A 152 -19.19 1.71 -2.86
N GLU A 153 -19.63 2.38 -1.79
CA GLU A 153 -21.04 2.42 -1.44
C GLU A 153 -21.89 2.95 -2.57
N LYS A 154 -21.61 4.17 -3.00
CA LYS A 154 -22.36 4.78 -4.11
C LYS A 154 -22.29 3.90 -5.33
N GLU A 155 -21.13 3.26 -5.53
CA GLU A 155 -20.91 2.44 -6.71
C GLU A 155 -21.75 1.16 -6.66
N LEU A 156 -21.81 0.53 -5.49
CA LEU A 156 -22.53 -0.72 -5.31
C LEU A 156 -24.05 -0.54 -5.25
N SER A 157 -24.47 0.65 -4.82
CA SER A 157 -25.89 0.94 -4.61
C SER A 157 -26.71 0.75 -5.88
N VAL A 158 -26.04 0.48 -6.99
CA VAL A 158 -26.71 0.31 -8.27
C VAL A 158 -27.09 -1.15 -8.52
N ILE A 159 -26.62 -2.04 -7.65
CA ILE A 159 -26.91 -3.46 -7.80
C ILE A 159 -28.12 -3.89 -6.96
N PRO A 160 -29.12 -4.47 -7.62
CA PRO A 160 -30.39 -4.92 -7.01
C PRO A 160 -30.19 -5.85 -5.83
N LYS A 161 -31.09 -5.76 -4.85
CA LYS A 161 -31.03 -6.60 -3.67
C LYS A 161 -30.93 -8.07 -4.04
N GLU A 162 -31.69 -8.47 -5.05
CA GLU A 162 -31.72 -9.86 -5.48
C GLU A 162 -30.44 -10.24 -6.20
N SER A 163 -29.69 -9.24 -6.67
CA SER A 163 -28.46 -9.49 -7.42
C SER A 163 -27.22 -9.29 -6.54
N ARG A 164 -27.42 -9.13 -5.24
CA ARG A 164 -26.31 -8.94 -4.32
C ARG A 164 -25.73 -10.28 -3.88
N TYR A 165 -25.32 -11.08 -4.87
CA TYR A 165 -24.73 -12.38 -4.61
C TYR A 165 -23.44 -12.56 -5.40
N LEU A 166 -22.33 -12.67 -4.68
CA LEU A 166 -21.02 -12.78 -5.29
C LEU A 166 -20.53 -14.22 -5.26
N VAL A 167 -20.02 -14.69 -6.40
CA VAL A 167 -19.47 -16.04 -6.48
C VAL A 167 -18.00 -15.99 -6.87
N THR A 168 -17.15 -16.53 -6.00
CA THR A 168 -15.72 -16.48 -6.21
C THR A 168 -15.11 -17.85 -5.96
N PRO A 169 -13.88 -18.09 -6.48
CA PRO A 169 -13.17 -19.36 -6.35
C PRO A 169 -12.99 -19.81 -4.90
N HIS A 170 -12.78 -18.88 -3.98
CA HIS A 170 -12.69 -19.24 -2.56
C HIS A 170 -13.18 -18.13 -1.64
N ASP A 171 -13.43 -18.48 -0.39
CA ASP A 171 -14.01 -17.55 0.57
C ASP A 171 -13.02 -16.45 0.96
N ALA A 172 -13.04 -15.35 0.24
CA ALA A 172 -12.08 -14.28 0.46
C ALA A 172 -12.74 -12.91 0.54
N PHE A 173 -14.06 -12.87 0.46
CA PHE A 173 -14.79 -11.61 0.45
C PHE A 173 -15.84 -11.53 1.55
N ASN A 174 -15.65 -12.30 2.61
CA ASN A 174 -16.56 -12.26 3.75
C ASN A 174 -16.58 -10.89 4.39
N TYR A 175 -15.41 -10.27 4.51
CA TYR A 175 -15.31 -8.94 5.08
C TYR A 175 -15.93 -7.93 4.13
N PHE A 176 -15.83 -8.19 2.84
CA PHE A 176 -16.42 -7.32 1.83
C PHE A 176 -17.94 -7.39 1.91
N ALA A 177 -18.47 -8.61 1.78
CA ALA A 177 -19.90 -8.84 1.83
C ALA A 177 -20.52 -8.24 3.08
N ALA A 178 -19.82 -8.42 4.20
CA ALA A 178 -20.30 -7.93 5.48
C ALA A 178 -20.38 -6.41 5.50
N SER A 179 -19.54 -5.77 4.70
CA SER A 179 -19.47 -4.31 4.71
C SER A 179 -20.56 -3.66 3.84
N TYR A 180 -21.05 -4.39 2.85
CA TYR A 180 -21.99 -3.82 1.89
C TYR A 180 -23.17 -4.71 1.60
N ASP A 181 -23.75 -5.27 2.64
CA ASP A 181 -24.95 -6.06 2.51
C ASP A 181 -24.87 -7.00 1.30
N PHE A 182 -23.89 -7.90 1.32
CA PHE A 182 -23.69 -8.84 0.23
C PHE A 182 -23.64 -10.28 0.73
N THR A 183 -23.89 -11.21 -0.18
CA THR A 183 -23.82 -12.63 0.12
C THR A 183 -22.78 -13.30 -0.77
N LEU A 184 -21.84 -14.01 -0.15
CA LEU A 184 -20.74 -14.65 -0.89
C LEU A 184 -20.79 -16.17 -0.82
N TYR A 185 -20.66 -16.80 -1.98
CA TYR A 185 -20.51 -18.25 -2.05
C TYR A 185 -19.17 -18.57 -2.70
N ALA A 186 -18.56 -19.67 -2.27
CA ALA A 186 -17.28 -20.11 -2.82
C ALA A 186 -17.12 -21.62 -2.70
N PRO A 187 -16.70 -22.26 -3.80
CA PRO A 187 -16.49 -23.72 -3.81
C PRO A 187 -15.32 -24.12 -2.92
N GLN A 188 -14.68 -23.14 -2.30
CA GLN A 188 -13.56 -23.41 -1.40
C GLN A 188 -13.64 -22.61 -0.12
N GLY A 189 -12.94 -23.09 0.91
CA GLY A 189 -12.97 -22.45 2.21
C GLY A 189 -12.25 -21.12 2.25
N VAL A 190 -11.78 -20.75 3.44
CA VAL A 190 -11.10 -19.48 3.65
C VAL A 190 -9.67 -19.52 3.11
N SER A 191 -8.99 -20.65 3.31
CA SER A 191 -7.66 -20.83 2.76
C SER A 191 -7.75 -21.49 1.39
N THR A 192 -6.71 -21.33 0.59
CA THR A 192 -6.67 -21.95 -0.72
C THR A 192 -5.86 -23.24 -0.66
N ASP A 193 -5.42 -23.59 0.55
CA ASP A 193 -4.60 -24.77 0.75
C ASP A 193 -5.46 -25.99 1.07
N SER A 194 -6.22 -26.44 0.08
CA SER A 194 -7.04 -27.64 0.22
C SER A 194 -7.64 -28.02 -1.12
N GLU A 195 -8.01 -29.28 -1.27
CA GLU A 195 -8.62 -29.76 -2.51
C GLU A 195 -10.04 -29.22 -2.65
N VAL A 196 -10.40 -28.85 -3.87
CA VAL A 196 -11.73 -28.32 -4.13
C VAL A 196 -12.78 -29.43 -4.02
N ALA A 197 -13.39 -29.53 -2.84
CA ALA A 197 -14.39 -30.57 -2.56
C ALA A 197 -15.51 -30.55 -3.60
N ASN A 198 -15.76 -31.71 -4.21
CA ASN A 198 -16.78 -31.80 -5.24
C ASN A 198 -18.17 -31.57 -4.65
N SER A 199 -18.28 -31.71 -3.33
CA SER A 199 -19.56 -31.51 -2.65
C SER A 199 -19.82 -30.03 -2.40
N ASP A 200 -18.75 -29.24 -2.33
CA ASP A 200 -18.89 -27.80 -2.17
C ASP A 200 -19.12 -27.14 -3.52
N MET A 201 -18.65 -27.81 -4.57
CA MET A 201 -18.94 -27.38 -5.92
C MET A 201 -20.44 -27.44 -6.16
N ILE A 202 -21.03 -28.59 -5.86
CA ILE A 202 -22.47 -28.79 -6.02
C ILE A 202 -23.26 -27.86 -5.13
N GLU A 203 -22.85 -27.79 -3.87
CA GLU A 203 -23.44 -26.86 -2.92
C GLU A 203 -23.57 -25.49 -3.56
N THR A 204 -22.50 -25.06 -4.21
CA THR A 204 -22.46 -23.76 -4.87
C THR A 204 -23.40 -23.73 -6.07
N VAL A 205 -23.38 -24.80 -6.86
CA VAL A 205 -24.27 -24.92 -8.00
C VAL A 205 -25.71 -24.71 -7.56
N ASN A 206 -26.14 -25.48 -6.57
CA ASN A 206 -27.49 -25.36 -6.04
C ASN A 206 -27.78 -23.94 -5.55
N LEU A 207 -26.76 -23.30 -4.99
CA LEU A 207 -26.92 -21.92 -4.53
C LEU A 207 -27.14 -20.97 -5.70
N ILE A 208 -26.41 -21.19 -6.79
CA ILE A 208 -26.58 -20.39 -7.99
C ILE A 208 -28.00 -20.55 -8.53
N ILE A 209 -28.47 -21.79 -8.55
CA ILE A 209 -29.80 -22.10 -9.06
C ILE A 209 -30.88 -21.48 -8.19
N ASP A 210 -30.71 -21.61 -6.88
CA ASP A 210 -31.69 -21.09 -5.94
C ASP A 210 -31.92 -19.59 -6.14
N HIS A 211 -30.84 -18.87 -6.40
CA HIS A 211 -30.89 -17.41 -6.47
C HIS A 211 -30.82 -16.87 -7.90
N ASN A 212 -30.82 -17.77 -8.87
CA ASN A 212 -30.80 -17.37 -10.27
C ASN A 212 -29.63 -16.46 -10.59
N ILE A 213 -28.42 -16.89 -10.21
CA ILE A 213 -27.22 -16.10 -10.43
C ILE A 213 -26.67 -16.35 -11.83
N LYS A 214 -26.42 -15.28 -12.58
CA LYS A 214 -25.99 -15.40 -13.97
C LYS A 214 -24.55 -14.96 -14.19
N ALA A 215 -23.79 -14.86 -13.10
CA ALA A 215 -22.38 -14.48 -13.21
C ALA A 215 -21.56 -14.95 -12.02
N ILE A 216 -20.57 -15.80 -12.29
CA ILE A 216 -19.62 -16.23 -11.27
C ILE A 216 -18.26 -15.62 -11.58
N PHE A 217 -17.53 -15.25 -10.54
CA PHE A 217 -16.31 -14.46 -10.73
C PHE A 217 -15.02 -15.27 -10.69
N THR A 218 -13.98 -14.69 -11.27
CA THR A 218 -12.66 -15.31 -11.38
C THR A 218 -11.61 -14.44 -10.72
N GLU A 219 -10.61 -15.05 -10.11
CA GLU A 219 -9.55 -14.32 -9.42
C GLU A 219 -8.17 -14.65 -10.00
N SER A 220 -7.24 -13.71 -9.84
CA SER A 220 -5.92 -13.80 -10.46
C SER A 220 -4.98 -14.81 -9.79
N THR A 221 -5.25 -15.16 -8.54
CA THR A 221 -4.35 -16.02 -7.79
C THR A 221 -4.65 -17.51 -7.89
N THR A 222 -5.82 -17.88 -8.40
CA THR A 222 -6.17 -19.29 -8.58
C THR A 222 -6.54 -19.65 -10.01
N ASN A 223 -6.52 -20.94 -10.32
CA ASN A 223 -6.82 -21.43 -11.66
C ASN A 223 -8.30 -21.30 -12.00
N PRO A 224 -8.61 -20.43 -12.98
CA PRO A 224 -9.98 -20.13 -13.42
C PRO A 224 -10.74 -21.37 -13.90
N GLU A 225 -10.04 -22.47 -14.12
CA GLU A 225 -10.66 -23.71 -14.57
C GLU A 225 -11.75 -24.12 -13.60
N ARG A 226 -11.48 -23.94 -12.31
CA ARG A 226 -12.42 -24.28 -11.27
C ARG A 226 -13.78 -23.64 -11.48
N MET A 227 -13.77 -22.38 -11.92
CA MET A 227 -15.02 -21.65 -12.13
C MET A 227 -15.68 -22.05 -13.44
N LYS A 228 -14.88 -22.57 -14.37
CA LYS A 228 -15.44 -23.05 -15.64
C LYS A 228 -15.95 -24.47 -15.50
N LYS A 229 -15.40 -25.21 -14.55
CA LYS A 229 -15.94 -26.52 -14.19
C LYS A 229 -17.18 -26.31 -13.33
N LEU A 230 -17.27 -25.15 -12.69
CA LEU A 230 -18.41 -24.79 -11.87
C LEU A 230 -19.56 -24.34 -12.76
N GLN A 231 -19.22 -23.63 -13.83
CA GLN A 231 -20.19 -23.18 -14.82
C GLN A 231 -20.81 -24.37 -15.55
N GLU A 232 -19.95 -25.32 -15.90
CA GLU A 232 -20.37 -26.52 -16.62
C GLU A 232 -21.38 -27.32 -15.82
N ALA A 233 -21.16 -27.39 -14.51
CA ALA A 233 -22.04 -28.12 -13.61
C ALA A 233 -23.42 -27.46 -13.52
N VAL A 234 -23.43 -26.12 -13.49
CA VAL A 234 -24.67 -25.36 -13.46
C VAL A 234 -25.50 -25.68 -14.71
N LYS A 235 -24.87 -25.53 -15.87
CA LYS A 235 -25.53 -25.83 -17.14
C LYS A 235 -26.01 -27.28 -17.16
N ALA A 236 -25.30 -28.15 -16.45
CA ALA A 236 -25.67 -29.55 -16.35
C ALA A 236 -27.01 -29.68 -15.64
N LYS A 237 -27.38 -28.63 -14.91
CA LYS A 237 -28.71 -28.55 -14.30
C LYS A 237 -29.56 -27.54 -15.05
N GLY A 238 -28.98 -26.94 -16.08
CA GLY A 238 -29.65 -25.95 -16.91
C GLY A 238 -30.47 -24.90 -16.17
N GLY A 239 -29.78 -23.95 -15.54
CA GLY A 239 -28.34 -23.90 -15.56
C GLY A 239 -27.76 -23.05 -16.67
N GLN A 240 -27.25 -21.87 -16.33
CA GLN A 240 -26.65 -20.98 -17.29
C GLN A 240 -26.21 -19.68 -16.62
N VAL A 241 -24.95 -19.63 -16.20
CA VAL A 241 -24.44 -18.46 -15.50
C VAL A 241 -23.02 -18.08 -15.93
N GLU A 242 -22.92 -17.02 -16.72
CA GLU A 242 -21.62 -16.48 -17.15
C GLU A 242 -20.39 -16.48 -16.26
N VAL A 243 -19.23 -16.81 -16.84
CA VAL A 243 -17.97 -16.79 -16.10
C VAL A 243 -17.15 -15.56 -16.43
N VAL A 244 -17.06 -14.64 -15.47
CA VAL A 244 -16.31 -13.40 -15.68
C VAL A 244 -14.82 -13.65 -15.50
N THR A 245 -14.14 -13.97 -16.59
CA THR A 245 -12.70 -14.23 -16.55
C THR A 245 -12.00 -13.49 -17.68
N GLY A 246 -12.55 -13.58 -18.88
CA GLY A 246 -12.02 -12.90 -20.04
C GLY A 246 -10.56 -12.49 -19.94
N GLU A 247 -10.28 -11.24 -20.28
CA GLU A 247 -8.93 -10.71 -20.24
C GLU A 247 -8.91 -9.38 -19.50
N GLY A 248 -8.20 -9.34 -18.37
CA GLY A 248 -8.22 -8.19 -17.51
C GLY A 248 -9.47 -8.20 -16.66
N LYS A 249 -10.24 -9.29 -16.79
CA LYS A 249 -11.46 -9.46 -16.03
C LYS A 249 -11.24 -10.41 -14.87
N GLU A 250 -10.47 -9.97 -13.89
CA GLU A 250 -10.17 -10.80 -12.73
C GLU A 250 -10.27 -9.99 -11.45
N LEU A 251 -10.85 -10.60 -10.43
CA LEU A 251 -10.89 -10.01 -9.10
C LEU A 251 -9.56 -10.28 -8.41
N PHE A 252 -9.10 -9.33 -7.61
CA PHE A 252 -7.91 -9.53 -6.80
C PHE A 252 -8.34 -9.85 -5.38
N SER A 253 -7.97 -11.03 -4.89
CA SER A 253 -8.31 -11.41 -3.53
C SER A 253 -7.06 -11.46 -2.66
N ASP A 254 -6.07 -12.23 -3.11
CA ASP A 254 -4.88 -12.47 -2.30
C ASP A 254 -3.65 -11.76 -2.84
N SER A 255 -3.86 -10.75 -3.68
CA SER A 255 -2.75 -10.01 -4.24
C SER A 255 -3.18 -8.79 -5.04
N LEU A 256 -2.33 -7.78 -5.07
CA LEU A 256 -2.51 -6.65 -5.97
C LEU A 256 -2.06 -7.05 -7.36
N ALA A 257 -2.03 -6.09 -8.28
CA ALA A 257 -1.53 -6.34 -9.62
C ALA A 257 -0.07 -5.94 -9.72
N PRO A 258 0.68 -6.57 -10.64
CA PRO A 258 2.10 -6.27 -10.83
C PRO A 258 2.31 -4.79 -11.17
N GLU A 259 3.30 -4.17 -10.53
CA GLU A 259 3.62 -2.78 -10.78
C GLU A 259 4.20 -2.64 -12.18
N GLY A 260 3.53 -1.88 -13.04
CA GLY A 260 2.30 -1.21 -12.66
C GLY A 260 1.15 -1.52 -13.60
N GLU A 261 0.13 -2.17 -13.06
CA GLU A 261 -1.09 -2.47 -13.82
C GLU A 261 -2.25 -1.70 -13.23
N GLU A 262 -3.47 -2.06 -13.61
CA GLU A 262 -4.65 -1.35 -13.12
C GLU A 262 -4.92 -1.64 -11.64
N GLY A 263 -4.66 -2.87 -11.23
CA GLY A 263 -4.75 -3.24 -9.83
C GLY A 263 -3.46 -2.91 -9.10
N ASP A 264 -2.69 -1.98 -9.68
CA ASP A 264 -1.40 -1.56 -9.16
C ASP A 264 -1.41 -1.34 -7.65
N THR A 265 -2.12 -0.30 -7.22
CA THR A 265 -2.18 0.05 -5.81
C THR A 265 -3.43 -0.55 -5.17
N PHE A 266 -3.55 -0.38 -3.86
CA PHE A 266 -4.65 -0.97 -3.11
C PHE A 266 -6.00 -0.36 -3.49
N ILE A 267 -6.08 0.97 -3.43
CA ILE A 267 -7.32 1.66 -3.74
C ILE A 267 -7.77 1.40 -5.17
N ASP A 268 -6.80 1.31 -6.08
CA ASP A 268 -7.10 1.01 -7.48
C ASP A 268 -7.55 -0.43 -7.64
N MET A 269 -6.87 -1.35 -6.96
CA MET A 269 -7.27 -2.74 -6.95
C MET A 269 -8.71 -2.86 -6.46
N TYR A 270 -9.05 -2.01 -5.51
CA TYR A 270 -10.39 -2.01 -4.93
C TYR A 270 -11.43 -1.56 -5.94
N LYS A 271 -11.19 -0.41 -6.55
CA LYS A 271 -12.10 0.14 -7.54
C LYS A 271 -12.28 -0.86 -8.68
N HIS A 272 -11.18 -1.41 -9.15
CA HIS A 272 -11.21 -2.42 -10.20
C HIS A 272 -12.18 -3.55 -9.86
N ASN A 273 -12.04 -4.09 -8.66
CA ASN A 273 -12.93 -5.14 -8.19
C ASN A 273 -14.39 -4.70 -8.22
N VAL A 274 -14.65 -3.53 -7.63
CA VAL A 274 -16.00 -3.00 -7.54
C VAL A 274 -16.66 -2.79 -8.90
N LYS A 275 -15.99 -2.04 -9.79
CA LYS A 275 -16.53 -1.79 -11.12
C LYS A 275 -16.87 -3.10 -11.81
N LEU A 276 -16.01 -4.10 -11.63
CA LEU A 276 -16.19 -5.39 -12.27
C LEU A 276 -17.49 -6.04 -11.84
N MET A 277 -17.77 -5.96 -10.55
CA MET A 277 -18.97 -6.57 -9.99
C MET A 277 -20.23 -5.90 -10.53
N VAL A 278 -20.23 -4.58 -10.55
CA VAL A 278 -21.42 -3.84 -10.97
C VAL A 278 -21.74 -4.15 -12.43
N LYS A 279 -20.70 -4.29 -13.25
CA LYS A 279 -20.90 -4.49 -14.68
C LYS A 279 -21.66 -5.79 -14.97
N TYR A 280 -21.34 -6.83 -14.21
CA TYR A 280 -21.92 -8.14 -14.47
C TYR A 280 -23.02 -8.54 -13.48
N LEU A 281 -23.35 -7.62 -12.57
CA LEU A 281 -24.37 -7.92 -11.55
C LEU A 281 -25.51 -6.93 -11.59
N LYS A 282 -25.25 -5.72 -12.07
CA LYS A 282 -26.28 -4.69 -12.13
C LYS A 282 -27.25 -4.95 -13.27
N SER B 5 -9.82 0.96 38.69
CA SER B 5 -9.58 0.06 37.56
C SER B 5 -9.16 0.84 36.32
N LYS B 6 -9.94 1.87 35.98
CA LYS B 6 -9.61 2.74 34.84
C LYS B 6 -8.15 3.18 34.92
N PRO B 7 -7.47 3.16 33.77
CA PRO B 7 -6.08 3.61 33.71
C PRO B 7 -5.96 5.04 34.23
N ARG B 8 -4.99 5.27 35.10
CA ARG B 8 -4.79 6.60 35.64
C ARG B 8 -3.77 7.37 34.81
N VAL B 9 -4.16 8.54 34.33
CA VAL B 9 -3.32 9.33 33.45
C VAL B 9 -3.13 10.73 33.98
N ALA B 10 -1.92 11.02 34.46
CA ALA B 10 -1.61 12.34 34.98
C ALA B 10 -1.37 13.33 33.84
N VAL B 11 -2.01 14.49 33.92
CA VAL B 11 -1.83 15.52 32.92
C VAL B 11 -1.43 16.83 33.59
N THR B 12 -0.39 17.46 33.05
CA THR B 12 0.12 18.69 33.64
C THR B 12 -0.88 19.83 33.53
N THR B 13 -1.33 20.11 32.31
CA THR B 13 -2.14 21.30 32.06
C THR B 13 -3.56 20.97 31.61
N SER B 14 -4.39 22.00 31.56
CA SER B 14 -5.73 21.87 31.02
C SER B 14 -5.65 21.49 29.55
N PHE B 15 -4.57 21.90 28.89
CA PHE B 15 -4.38 21.57 27.49
C PHE B 15 -4.46 20.06 27.31
N LEU B 16 -3.64 19.35 28.06
CA LEU B 16 -3.55 17.91 27.94
C LEU B 16 -4.78 17.23 28.52
N ASN B 17 -5.36 17.85 29.56
CA ASN B 17 -6.59 17.33 30.14
C ASN B 17 -7.73 17.28 29.11
N ASP B 18 -7.83 18.34 28.31
CA ASP B 18 -8.80 18.37 27.23
C ASP B 18 -8.49 17.29 26.19
N MET B 19 -7.31 17.41 25.59
CA MET B 19 -6.87 16.48 24.56
C MET B 19 -7.21 15.04 24.89
N VAL B 20 -6.68 14.55 26.01
CA VAL B 20 -6.92 13.18 26.43
C VAL B 20 -8.40 12.84 26.40
N TYR B 21 -9.22 13.72 26.95
CA TYR B 21 -10.66 13.53 26.90
C TYR B 21 -11.10 13.38 25.46
N GLN B 22 -10.65 14.30 24.61
CA GLN B 22 -11.02 14.29 23.19
C GLN B 22 -10.64 12.98 22.54
N LEU B 23 -9.60 12.34 23.05
CA LEU B 23 -9.10 11.10 22.46
C LEU B 23 -9.69 9.89 23.17
N ALA B 24 -9.45 9.80 24.47
CA ALA B 24 -9.80 8.62 25.25
C ALA B 24 -11.17 8.76 25.91
N GLY B 25 -11.86 9.85 25.61
CA GLY B 25 -13.14 10.11 26.24
C GLY B 25 -13.05 9.84 27.73
N ASP B 26 -13.98 9.03 28.23
CA ASP B 26 -14.02 8.71 29.65
C ASP B 26 -13.45 7.33 29.93
N GLU B 27 -12.74 6.77 28.95
CA GLU B 27 -12.19 5.43 29.10
C GLU B 27 -11.03 5.41 30.08
N VAL B 28 -10.39 6.56 30.28
CA VAL B 28 -9.29 6.66 31.23
C VAL B 28 -9.65 7.59 32.37
N GLU B 29 -8.77 7.69 33.35
CA GLU B 29 -8.98 8.58 34.48
C GLU B 29 -7.86 9.60 34.54
N ARG B 30 -8.20 10.87 34.30
CA ARG B 30 -7.18 11.91 34.19
C ARG B 30 -6.97 12.71 35.47
N ASP B 31 -5.71 12.90 35.82
CA ASP B 31 -5.33 13.63 37.02
C ASP B 31 -4.61 14.91 36.61
N LEU B 32 -5.32 16.03 36.70
CA LEU B 32 -4.74 17.32 36.31
C LEU B 32 -3.92 17.93 37.44
N LEU B 33 -2.64 18.14 37.16
CA LEU B 33 -1.72 18.72 38.13
C LEU B 33 -1.99 20.20 38.34
N ILE B 34 -1.92 20.95 37.25
CA ILE B 34 -2.02 22.41 37.32
C ILE B 34 -3.42 22.87 36.95
N PRO B 35 -4.19 23.35 37.95
CA PRO B 35 -5.55 23.85 37.75
C PRO B 35 -5.62 24.96 36.72
N ALA B 36 -6.67 24.96 35.91
CA ALA B 36 -6.87 26.01 34.92
C ALA B 36 -6.82 27.37 35.58
N GLY B 37 -5.98 28.24 35.06
CA GLY B 37 -5.83 29.58 35.62
C GLY B 37 -4.45 29.84 36.17
N GLU B 38 -3.71 28.76 36.42
CA GLU B 38 -2.35 28.89 36.94
C GLU B 38 -1.31 28.90 35.82
N ASP B 39 -0.05 29.15 36.19
CA ASP B 39 1.03 29.32 35.21
C ASP B 39 2.08 28.22 35.33
N PRO B 40 2.22 27.39 34.28
CA PRO B 40 3.16 26.27 34.24
C PRO B 40 4.61 26.72 34.32
N HIS B 41 4.88 27.96 33.94
CA HIS B 41 6.22 28.50 34.02
C HIS B 41 6.69 28.57 35.46
N LEU B 42 5.72 28.68 36.38
CA LEU B 42 6.02 28.94 37.78
C LEU B 42 5.62 27.79 38.71
N TYR B 43 4.65 27.00 38.29
CA TYR B 43 4.12 25.94 39.13
C TYR B 43 5.23 25.04 39.67
N VAL B 44 5.34 24.97 41.00
CA VAL B 44 6.29 24.09 41.65
C VAL B 44 5.56 22.84 42.14
N ALA B 45 6.15 21.68 41.87
CA ALA B 45 5.54 20.42 42.25
C ALA B 45 5.53 20.24 43.77
N LYS B 46 4.34 20.03 44.34
CA LYS B 46 4.23 19.75 45.77
C LYS B 46 4.06 18.25 46.03
N SER B 47 4.18 17.87 47.30
CA SER B 47 4.13 16.46 47.69
C SER B 47 3.07 15.68 46.93
N SER B 48 1.81 16.09 47.11
CA SER B 48 0.68 15.42 46.47
C SER B 48 0.91 15.25 44.97
N ASP B 49 1.43 16.30 44.35
CA ASP B 49 1.68 16.27 42.90
C ASP B 49 2.61 15.13 42.52
N LEU B 50 3.82 15.17 43.06
CA LEU B 50 4.79 14.10 42.79
C LEU B 50 4.19 12.74 43.10
N SER B 51 3.26 12.70 44.04
CA SER B 51 2.54 11.48 44.35
C SER B 51 1.75 11.05 43.13
N LYS B 52 0.88 11.93 42.65
CA LYS B 52 0.07 11.67 41.46
C LYS B 52 0.92 11.09 40.33
N LEU B 53 2.07 11.71 40.10
CA LEU B 53 2.99 11.25 39.07
C LEU B 53 3.38 9.81 39.34
N GLN B 54 3.68 9.53 40.60
CA GLN B 54 4.11 8.20 41.01
C GLN B 54 2.97 7.19 40.87
N LYS B 55 1.75 7.64 41.15
CA LYS B 55 0.58 6.77 41.17
C LYS B 55 -0.07 6.63 39.80
N ALA B 56 0.42 7.40 38.83
CA ALA B 56 -0.15 7.39 37.49
C ALA B 56 0.39 6.22 36.67
N ASP B 57 -0.47 5.64 35.84
CA ASP B 57 -0.06 4.61 34.92
C ASP B 57 0.67 5.25 33.75
N LEU B 58 0.14 6.40 33.32
CA LEU B 58 0.72 7.17 32.24
C LEU B 58 0.82 8.62 32.67
N VAL B 59 1.86 9.31 32.22
CA VAL B 59 2.00 10.73 32.52
C VAL B 59 2.32 11.51 31.25
N LEU B 60 1.46 12.48 30.93
CA LEU B 60 1.64 13.28 29.72
C LEU B 60 1.91 14.74 30.05
N TYR B 61 2.86 15.32 29.33
CA TYR B 61 3.21 16.73 29.52
C TYR B 61 3.75 17.35 28.23
N HIS B 62 3.80 18.68 28.20
CA HIS B 62 4.27 19.40 27.04
C HIS B 62 5.75 19.45 26.68
N GLY B 63 6.59 19.54 27.71
CA GLY B 63 8.02 19.70 27.51
C GLY B 63 8.56 21.08 27.18
N LEU B 64 9.71 21.12 26.50
CA LEU B 64 10.33 22.37 26.13
C LEU B 64 10.45 23.29 27.34
N HIS B 65 10.56 22.69 28.52
CA HIS B 65 10.68 23.43 29.76
C HIS B 65 9.47 24.31 30.03
N PHE B 66 8.34 23.98 29.41
CA PHE B 66 7.12 24.73 29.64
C PHE B 66 6.70 24.63 31.11
N GLU B 67 6.74 23.41 31.65
CA GLU B 67 6.44 23.21 33.07
C GLU B 67 7.54 23.83 33.94
N GLY B 68 8.69 24.08 33.33
CA GLY B 68 9.73 24.89 33.93
C GLY B 68 10.36 24.37 35.23
N LYS B 69 9.53 24.21 36.25
CA LYS B 69 10.01 23.81 37.56
C LYS B 69 9.71 22.35 37.87
N MET B 70 9.49 21.57 36.82
CA MET B 70 9.21 20.14 36.98
C MET B 70 9.90 19.33 35.90
N VAL B 71 10.95 19.91 35.32
CA VAL B 71 11.69 19.22 34.28
C VAL B 71 12.30 17.94 34.83
N GLU B 72 12.99 18.06 35.95
CA GLU B 72 13.68 16.92 36.55
C GLU B 72 12.78 15.89 37.22
N ALA B 73 11.49 15.96 36.90
CA ALA B 73 10.52 15.01 37.40
C ALA B 73 9.65 14.52 36.27
N LEU B 74 9.45 15.40 35.30
CA LEU B 74 8.66 15.06 34.12
C LEU B 74 9.46 14.16 33.19
N GLU B 75 10.74 14.49 33.01
CA GLU B 75 11.60 13.71 32.13
C GLU B 75 11.92 12.35 32.74
N LYS B 76 11.47 12.15 33.98
CA LYS B 76 11.83 10.95 34.72
C LYS B 76 10.71 9.91 34.71
N THR B 77 9.47 10.36 34.62
CA THR B 77 8.35 9.43 34.64
C THR B 77 7.33 9.58 33.51
N GLY B 78 7.47 10.64 32.71
CA GLY B 78 6.46 10.95 31.72
C GLY B 78 6.85 10.96 30.26
N VAL B 79 5.88 11.22 29.40
CA VAL B 79 6.09 11.34 27.96
C VAL B 79 5.71 12.74 27.48
N ALA B 80 6.63 13.41 26.79
CA ALA B 80 6.37 14.73 26.26
C ALA B 80 5.67 14.61 24.91
N VAL B 81 4.53 15.27 24.79
CA VAL B 81 3.73 15.19 23.57
C VAL B 81 4.46 15.85 22.41
N SER B 82 5.57 16.50 22.71
CA SER B 82 6.39 17.15 21.69
C SER B 82 7.58 16.28 21.28
N LYS B 83 7.61 15.05 21.78
CA LYS B 83 8.76 14.18 21.59
C LYS B 83 9.11 13.92 20.13
N ASN B 84 8.24 14.36 19.22
CA ASN B 84 8.44 14.12 17.80
C ASN B 84 8.78 15.38 17.03
N PHE B 85 8.93 16.49 17.73
CA PHE B 85 9.33 17.73 17.10
C PHE B 85 10.75 17.62 16.58
N ASN B 86 11.02 18.30 15.47
CA ASN B 86 12.37 18.39 14.94
C ASN B 86 12.88 19.80 15.14
N ALA B 87 14.17 20.01 14.88
CA ALA B 87 14.78 21.31 15.11
C ALA B 87 14.01 22.42 14.41
N LYS B 88 13.76 22.25 13.11
CA LYS B 88 13.14 23.31 12.33
C LYS B 88 11.74 23.64 12.82
N ASP B 89 11.17 22.76 13.65
CA ASP B 89 9.84 22.98 14.20
C ASP B 89 9.87 24.00 15.32
N LEU B 90 10.96 23.98 16.07
CA LEU B 90 11.07 24.81 17.26
C LEU B 90 11.21 26.28 16.92
N ASN B 91 10.94 27.12 17.91
CA ASN B 91 11.22 28.54 17.82
C ASN B 91 12.20 28.86 18.94
N THR B 92 13.27 29.59 18.64
CA THR B 92 14.33 29.78 19.62
C THR B 92 14.77 31.24 19.78
N MET B 93 14.78 31.73 21.02
CA MET B 93 15.35 33.02 21.33
C MET B 93 16.73 32.80 21.95
N ASP B 94 17.55 33.85 22.00
CA ASP B 94 18.94 33.68 22.40
C ASP B 94 19.30 34.39 23.70
N GLU B 95 18.40 35.22 24.20
CA GLU B 95 18.69 36.07 25.36
C GLU B 95 19.49 35.37 26.45
N ASP B 96 20.51 36.06 26.95
CA ASP B 96 21.34 35.57 28.06
C ASP B 96 22.13 34.32 27.72
N GLY B 97 22.68 34.27 26.51
CA GLY B 97 23.45 33.13 26.07
C GLY B 97 22.61 31.88 25.94
N GLU B 98 23.06 30.96 25.10
CA GLU B 98 22.34 29.71 24.85
C GLU B 98 21.37 30.03 23.73
N GLU B 99 20.50 29.08 23.40
CA GLU B 99 19.45 29.31 22.41
C GLU B 99 18.40 28.62 23.26
N ILE B 100 17.46 29.40 23.78
CA ILE B 100 16.34 28.87 24.55
C ILE B 100 15.19 28.57 23.59
N VAL B 101 14.46 27.50 23.88
CA VAL B 101 13.34 27.08 23.04
C VAL B 101 12.02 27.70 23.49
N ASP B 102 11.19 28.12 22.53
CA ASP B 102 9.87 28.65 22.82
C ASP B 102 8.88 27.51 22.96
N PRO B 103 8.37 27.28 24.18
CA PRO B 103 7.50 26.14 24.48
C PRO B 103 6.12 26.24 23.87
N HIS B 104 5.66 27.45 23.58
CA HIS B 104 4.29 27.70 23.18
C HIS B 104 3.98 27.19 21.77
N PHE B 105 4.14 25.89 21.57
CA PHE B 105 3.98 25.28 20.25
C PHE B 105 2.52 25.08 19.85
N TRP B 106 1.61 25.18 20.82
CA TRP B 106 0.23 24.79 20.60
C TRP B 106 -0.58 25.78 19.77
N PHE B 107 0.03 26.90 19.42
CA PHE B 107 -0.63 27.85 18.52
C PHE B 107 -0.26 27.55 17.08
N SER B 108 0.75 26.70 16.91
CA SER B 108 1.01 26.09 15.61
C SER B 108 0.19 24.82 15.54
N ILE B 109 -0.98 24.92 14.92
CA ILE B 109 -1.88 23.77 14.81
C ILE B 109 -1.16 22.52 14.29
N PRO B 110 -0.31 22.67 13.27
CA PRO B 110 0.46 21.51 12.82
C PRO B 110 1.19 20.87 14.00
N LEU B 111 1.89 21.67 14.78
CA LEU B 111 2.61 21.18 15.95
C LEU B 111 1.66 20.57 16.97
N TYR B 112 0.47 21.13 17.09
CA TYR B 112 -0.53 20.57 17.99
C TYR B 112 -1.08 19.27 17.39
N LYS B 113 -1.09 19.20 16.06
CA LYS B 113 -1.46 17.98 15.36
C LYS B 113 -0.36 16.93 15.51
N SER B 114 0.77 17.34 16.08
CA SER B 114 1.87 16.44 16.32
C SER B 114 1.89 15.94 17.75
N ALA B 115 1.31 16.74 18.66
CA ALA B 115 1.23 16.37 20.06
C ALA B 115 0.12 15.35 20.31
N VAL B 116 -1.09 15.69 19.86
CA VAL B 116 -2.22 14.78 19.85
C VAL B 116 -1.81 13.37 19.42
N ALA B 117 -1.04 13.30 18.34
CA ALA B 117 -0.58 12.03 17.80
C ALA B 117 0.16 11.21 18.84
N VAL B 118 1.14 11.84 19.49
CA VAL B 118 1.88 11.19 20.56
C VAL B 118 0.94 10.70 21.65
N ALA B 119 0.02 11.57 22.06
CA ALA B 119 -0.94 11.23 23.11
C ALA B 119 -1.79 10.03 22.71
N SER B 120 -2.24 10.03 21.45
CA SER B 120 -3.02 8.92 20.94
C SER B 120 -2.30 7.60 21.18
N GLU B 121 -1.15 7.44 20.53
CA GLU B 121 -0.40 6.19 20.58
C GLU B 121 -0.13 5.71 22.00
N GLU B 122 0.20 6.63 22.89
CA GLU B 122 0.44 6.27 24.28
C GLU B 122 -0.84 5.83 24.96
N LEU B 123 -1.95 6.49 24.61
CA LEU B 123 -3.25 6.09 25.11
C LEU B 123 -3.64 4.73 24.55
N GLN B 124 -3.47 4.55 23.24
CA GLN B 124 -3.69 3.27 22.60
C GLN B 124 -2.83 2.22 23.27
N LYS B 125 -1.54 2.52 23.37
CA LYS B 125 -0.59 1.64 24.04
C LYS B 125 -1.08 1.27 25.43
N LEU B 126 -1.87 2.16 26.03
CA LEU B 126 -2.36 1.97 27.37
C LEU B 126 -3.62 1.11 27.40
N LEU B 127 -4.41 1.18 26.32
CA LEU B 127 -5.66 0.44 26.24
C LEU B 127 -5.76 -0.33 24.94
N PRO B 128 -5.09 -1.49 24.88
CA PRO B 128 -5.05 -2.34 23.69
C PRO B 128 -6.44 -2.66 23.15
N ALA B 129 -7.41 -2.81 24.05
CA ALA B 129 -8.77 -3.16 23.66
C ALA B 129 -9.49 -2.00 22.99
N LYS B 130 -9.17 -0.78 23.41
CA LYS B 130 -9.83 0.42 22.89
C LYS B 130 -8.95 1.21 21.93
N ALA B 131 -7.86 0.60 21.48
CA ALA B 131 -6.91 1.27 20.60
C ALA B 131 -7.56 1.75 19.30
N GLU B 132 -8.26 0.86 18.62
CA GLU B 132 -8.96 1.22 17.39
C GLU B 132 -9.97 2.33 17.64
N MET B 133 -10.75 2.18 18.70
CA MET B 133 -11.70 3.21 19.10
C MET B 133 -10.99 4.55 19.25
N ILE B 134 -9.86 4.53 19.96
CA ILE B 134 -9.07 5.74 20.17
C ILE B 134 -8.54 6.28 18.84
N GLN B 135 -8.08 5.39 17.97
CA GLN B 135 -7.61 5.79 16.66
C GLN B 135 -8.70 6.52 15.90
N LYS B 136 -9.92 6.02 16.04
CA LYS B 136 -11.09 6.60 15.38
C LYS B 136 -11.37 7.99 15.96
N ASN B 137 -11.24 8.11 17.27
CA ASN B 137 -11.42 9.39 17.93
C ASN B 137 -10.32 10.37 17.56
N THR B 138 -9.12 9.85 17.33
CA THR B 138 -7.98 10.69 16.96
C THR B 138 -8.16 11.26 15.56
N GLU B 139 -8.60 10.42 14.63
CA GLU B 139 -8.86 10.86 13.27
C GLU B 139 -9.85 12.02 13.27
N LYS B 140 -10.99 11.80 13.91
CA LYS B 140 -12.00 12.84 14.03
C LYS B 140 -11.37 14.14 14.52
N TYR B 141 -10.70 14.07 15.67
CA TYR B 141 -10.10 15.27 16.27
C TYR B 141 -9.10 15.92 15.32
N GLN B 142 -8.18 15.12 14.78
CA GLN B 142 -7.21 15.64 13.82
C GLN B 142 -7.94 16.49 12.78
N ALA B 143 -9.00 15.92 12.20
CA ALA B 143 -9.78 16.62 11.19
C ALA B 143 -10.39 17.90 11.75
N GLN B 144 -10.89 17.83 12.98
CA GLN B 144 -11.44 19.02 13.61
C GLN B 144 -10.39 20.11 13.72
N LEU B 145 -9.15 19.70 13.92
CA LEU B 145 -8.03 20.64 13.97
C LEU B 145 -7.80 21.24 12.59
N ASP B 146 -7.89 20.40 11.57
CA ASP B 146 -7.78 20.85 10.19
C ASP B 146 -8.79 21.96 9.90
N ASP B 147 -10.07 21.64 10.08
CA ASP B 147 -11.14 22.60 9.87
C ASP B 147 -10.87 23.88 10.65
N LEU B 148 -10.32 23.73 11.84
CA LEU B 148 -9.98 24.88 12.67
C LEU B 148 -8.98 25.79 11.97
N HIS B 149 -7.88 25.21 11.49
CA HIS B 149 -6.84 25.98 10.83
C HIS B 149 -7.38 26.85 9.69
N ALA B 150 -8.32 26.31 8.94
CA ALA B 150 -8.95 27.05 7.85
C ALA B 150 -9.80 28.18 8.41
N TRP B 151 -10.49 27.90 9.51
CA TRP B 151 -11.34 28.89 10.17
C TRP B 151 -10.52 30.11 10.59
N VAL B 152 -9.42 29.87 11.30
CA VAL B 152 -8.57 30.95 11.78
C VAL B 152 -8.06 31.77 10.60
N GLU B 153 -7.64 31.09 9.55
CA GLU B 153 -7.16 31.73 8.34
C GLU B 153 -8.21 32.68 7.80
N LYS B 154 -9.41 32.14 7.58
CA LYS B 154 -10.53 32.91 7.06
C LYS B 154 -10.89 34.03 8.02
N GLU B 155 -10.86 33.74 9.31
CA GLU B 155 -11.26 34.71 10.32
C GLU B 155 -10.26 35.86 10.41
N LEU B 156 -8.99 35.53 10.26
CA LEU B 156 -7.91 36.52 10.40
C LEU B 156 -7.75 37.38 9.16
N SER B 157 -8.08 36.82 8.01
CA SER B 157 -7.90 37.51 6.73
C SER B 157 -8.59 38.85 6.70
N VAL B 158 -9.45 39.09 7.68
CA VAL B 158 -10.20 40.35 7.74
C VAL B 158 -9.39 41.49 8.36
N ILE B 159 -8.22 41.15 8.91
CA ILE B 159 -7.35 42.15 9.51
C ILE B 159 -6.26 42.59 8.53
N PRO B 160 -6.17 43.90 8.28
CA PRO B 160 -5.20 44.49 7.36
C PRO B 160 -3.77 44.18 7.75
N LYS B 161 -2.87 44.26 6.78
CA LYS B 161 -1.46 43.97 7.01
C LYS B 161 -0.89 44.88 8.09
N GLU B 162 -1.08 46.19 7.93
CA GLU B 162 -0.57 47.17 8.89
C GLU B 162 -1.07 46.89 10.30
N SER B 163 -2.25 46.28 10.38
CA SER B 163 -2.84 45.96 11.67
C SER B 163 -2.61 44.51 12.08
N ARG B 164 -1.57 43.89 11.51
CA ARG B 164 -1.22 42.52 11.87
C ARG B 164 -0.11 42.49 12.91
N TYR B 165 -0.33 43.25 13.99
CA TYR B 165 0.62 43.32 15.08
C TYR B 165 -0.06 43.04 16.40
N LEU B 166 0.41 42.00 17.08
CA LEU B 166 -0.19 41.57 18.34
C LEU B 166 0.69 41.96 19.53
N VAL B 167 0.08 42.48 20.57
CA VAL B 167 0.81 42.86 21.77
C VAL B 167 0.27 42.12 22.99
N THR B 168 1.14 41.33 23.62
CA THR B 168 0.75 40.52 24.76
C THR B 168 1.77 40.64 25.89
N PRO B 169 1.35 40.29 27.11
CA PRO B 169 2.21 40.37 28.30
C PRO B 169 3.56 39.67 28.13
N HIS B 170 3.61 38.59 27.35
CA HIS B 170 4.88 37.91 27.09
C HIS B 170 4.89 37.22 25.73
N ASP B 171 6.06 36.69 25.35
CA ASP B 171 6.22 35.99 24.09
C ASP B 171 5.57 34.62 24.23
N ALA B 172 4.33 34.49 23.74
CA ALA B 172 3.64 33.22 23.81
C ALA B 172 2.88 32.91 22.52
N PHE B 173 2.99 33.80 21.55
CA PHE B 173 2.26 33.67 20.30
C PHE B 173 3.15 33.72 19.08
N ASN B 174 4.40 33.32 19.27
CA ASN B 174 5.37 33.30 18.17
C ASN B 174 5.07 32.23 17.16
N TYR B 175 4.47 31.13 17.62
CA TYR B 175 4.05 30.07 16.73
C TYR B 175 2.75 30.49 16.07
N PHE B 176 2.02 31.36 16.74
CA PHE B 176 0.79 31.91 16.23
C PHE B 176 1.09 32.86 15.08
N ALA B 177 1.92 33.85 15.36
CA ALA B 177 2.31 34.83 14.36
C ALA B 177 2.91 34.15 13.14
N ALA B 178 3.81 33.22 13.38
CA ALA B 178 4.51 32.51 12.31
C ALA B 178 3.54 31.80 11.38
N SER B 179 2.40 31.37 11.92
CA SER B 179 1.41 30.66 11.13
C SER B 179 0.55 31.62 10.31
N TYR B 180 0.29 32.79 10.87
CA TYR B 180 -0.66 33.71 10.27
C TYR B 180 -0.07 35.08 9.98
N ASP B 181 1.06 35.09 9.31
CA ASP B 181 1.69 36.34 8.90
C ASP B 181 1.41 37.44 9.92
N PHE B 182 1.92 37.26 11.13
CA PHE B 182 1.73 38.25 12.19
C PHE B 182 3.05 38.70 12.77
N THR B 183 3.00 39.80 13.51
CA THR B 183 4.17 40.30 14.24
C THR B 183 3.82 40.47 15.72
N LEU B 184 4.60 39.84 16.59
CA LEU B 184 4.31 39.85 18.03
C LEU B 184 5.34 40.62 18.84
N TYR B 185 4.85 41.51 19.69
CA TYR B 185 5.70 42.20 20.65
C TYR B 185 5.26 41.86 22.07
N ALA B 186 6.23 41.80 22.98
CA ALA B 186 5.93 41.53 24.38
C ALA B 186 6.99 42.15 25.29
N PRO B 187 6.55 42.75 26.40
CA PRO B 187 7.46 43.35 27.36
C PRO B 187 8.19 42.28 28.16
N GLN B 188 7.81 41.03 27.96
CA GLN B 188 8.43 39.93 28.68
C GLN B 188 8.78 38.76 27.76
N GLY B 189 9.83 38.04 28.12
CA GLY B 189 10.33 36.95 27.30
C GLY B 189 9.37 35.79 27.16
N VAL B 190 9.89 34.66 26.72
CA VAL B 190 9.08 33.48 26.46
C VAL B 190 8.47 32.90 27.73
N SER B 191 9.28 32.77 28.77
CA SER B 191 8.78 32.33 30.07
C SER B 191 8.31 33.54 30.86
N THR B 192 7.50 33.30 31.89
CA THR B 192 7.03 34.38 32.74
C THR B 192 7.87 34.44 34.01
N ASP B 193 8.82 33.53 34.12
CA ASP B 193 9.67 33.45 35.31
C ASP B 193 10.82 34.44 35.25
N SER B 194 10.48 35.73 35.27
CA SER B 194 11.49 36.78 35.29
C SER B 194 10.83 38.13 35.58
N GLU B 195 11.64 39.11 35.95
CA GLU B 195 11.12 40.44 36.23
C GLU B 195 10.89 41.20 34.93
N VAL B 196 9.72 41.83 34.81
CA VAL B 196 9.40 42.61 33.64
C VAL B 196 10.36 43.79 33.51
N ALA B 197 11.33 43.65 32.60
CA ALA B 197 12.38 44.65 32.43
C ALA B 197 11.82 46.00 31.96
N ASN B 198 12.24 47.07 32.63
CA ASN B 198 11.77 48.40 32.29
C ASN B 198 12.16 48.83 30.88
N SER B 199 13.32 48.36 30.41
CA SER B 199 13.80 48.70 29.08
C SER B 199 13.00 47.97 28.00
N ASP B 200 12.51 46.78 28.32
CA ASP B 200 11.66 46.03 27.40
C ASP B 200 10.31 46.70 27.27
N MET B 201 9.77 47.15 28.39
CA MET B 201 8.54 47.94 28.40
C MET B 201 8.66 49.08 27.40
N ILE B 202 9.72 49.86 27.56
CA ILE B 202 9.98 50.99 26.68
C ILE B 202 10.11 50.53 25.25
N GLU B 203 10.89 49.47 25.05
CA GLU B 203 11.07 48.89 23.73
C GLU B 203 9.70 48.65 23.10
N THR B 204 8.81 48.05 23.88
CA THR B 204 7.47 47.75 23.43
C THR B 204 6.70 49.02 23.11
N VAL B 205 6.75 49.98 24.03
CA VAL B 205 6.09 51.26 23.83
C VAL B 205 6.45 51.86 22.47
N ASN B 206 7.75 52.12 22.29
CA ASN B 206 8.24 52.72 21.06
C ASN B 206 7.73 51.98 19.83
N LEU B 207 7.76 50.65 19.89
CA LEU B 207 7.27 49.84 18.79
C LEU B 207 5.81 50.12 18.52
N ILE B 208 5.02 50.26 19.59
CA ILE B 208 3.62 50.61 19.44
C ILE B 208 3.51 51.94 18.71
N ILE B 209 4.43 52.85 19.02
CA ILE B 209 4.44 54.18 18.42
C ILE B 209 4.83 54.11 16.96
N ASP B 210 5.80 53.26 16.66
CA ASP B 210 6.28 53.09 15.29
C ASP B 210 5.17 52.59 14.38
N HIS B 211 4.33 51.71 14.91
CA HIS B 211 3.32 51.03 14.10
C HIS B 211 1.89 51.45 14.40
N ASN B 212 1.72 52.53 15.17
CA ASN B 212 0.38 53.04 15.47
C ASN B 212 -0.57 51.90 15.80
N ILE B 213 -0.23 51.12 16.82
CA ILE B 213 -0.91 49.86 17.09
C ILE B 213 -2.35 50.00 17.59
N LYS B 214 -2.56 50.91 18.54
CA LYS B 214 -3.91 51.27 18.97
C LYS B 214 -4.61 50.22 19.85
N ALA B 215 -3.95 49.09 20.10
CA ALA B 215 -4.53 48.07 21.00
C ALA B 215 -3.52 47.03 21.48
N ILE B 216 -3.49 46.81 22.79
CA ILE B 216 -2.62 45.81 23.40
C ILE B 216 -3.45 44.80 24.19
N PHE B 217 -3.00 43.55 24.22
CA PHE B 217 -3.82 42.48 24.76
C PHE B 217 -3.45 41.99 26.15
N THR B 218 -4.40 41.29 26.78
CA THR B 218 -4.25 40.79 28.13
C THR B 218 -4.54 39.28 28.16
N GLU B 219 -3.89 38.58 29.09
CA GLU B 219 -4.11 37.14 29.25
C GLU B 219 -4.57 36.83 30.68
N SER B 220 -5.07 35.62 30.88
CA SER B 220 -5.67 35.23 32.16
C SER B 220 -4.64 34.76 33.19
N THR B 221 -3.46 34.39 32.73
CA THR B 221 -2.45 33.82 33.62
C THR B 221 -1.53 34.87 34.26
N THR B 222 -1.47 36.06 33.69
CA THR B 222 -0.62 37.10 34.26
C THR B 222 -1.40 38.33 34.73
N ASN B 223 -0.73 39.18 35.49
CA ASN B 223 -1.36 40.36 36.08
C ASN B 223 -1.59 41.46 35.06
N PRO B 224 -2.87 41.78 34.80
CA PRO B 224 -3.29 42.80 33.84
C PRO B 224 -2.64 44.16 34.07
N GLU B 225 -2.05 44.36 35.25
CA GLU B 225 -1.42 45.63 35.57
C GLU B 225 -0.29 45.96 34.61
N ARG B 226 0.54 44.97 34.31
CA ARG B 226 1.68 45.18 33.45
C ARG B 226 1.27 45.87 32.15
N MET B 227 0.09 45.51 31.65
CA MET B 227 -0.38 46.06 30.39
C MET B 227 -0.99 47.44 30.57
N LYS B 228 -1.57 47.70 31.73
CA LYS B 228 -2.09 49.03 32.02
C LYS B 228 -0.96 50.00 32.34
N LYS B 229 0.13 49.46 32.90
CA LYS B 229 1.33 50.26 33.08
C LYS B 229 1.96 50.54 31.72
N LEU B 230 1.80 49.59 30.81
CA LEU B 230 2.33 49.73 29.46
C LEU B 230 1.56 50.80 28.71
N GLN B 231 0.24 50.79 28.87
CA GLN B 231 -0.64 51.77 28.26
C GLN B 231 -0.32 53.18 28.73
N GLU B 232 -0.04 53.31 30.02
CA GLU B 232 0.26 54.60 30.63
C GLU B 232 1.55 55.18 30.09
N ALA B 233 2.51 54.31 29.78
CA ALA B 233 3.79 54.74 29.23
C ALA B 233 3.62 55.23 27.79
N VAL B 234 2.75 54.58 27.05
CA VAL B 234 2.43 54.99 25.69
C VAL B 234 1.81 56.38 25.69
N LYS B 235 0.72 56.53 26.45
CA LYS B 235 0.06 57.81 26.59
C LYS B 235 1.03 58.86 27.12
N ALA B 236 2.00 58.40 27.92
CA ALA B 236 3.02 59.28 28.44
C ALA B 236 3.75 59.96 27.29
N LYS B 237 3.87 59.24 26.18
CA LYS B 237 4.43 59.81 24.95
C LYS B 237 3.30 60.25 24.02
N GLY B 238 2.07 60.04 24.49
CA GLY B 238 0.87 60.46 23.81
C GLY B 238 0.83 60.25 22.31
N GLY B 239 0.57 59.02 21.89
CA GLY B 239 0.36 57.90 22.80
C GLY B 239 -1.10 57.59 23.06
N GLN B 240 -1.63 56.61 22.35
CA GLN B 240 -3.01 56.18 22.55
C GLN B 240 -3.26 54.72 22.16
N VAL B 241 -3.42 53.87 23.16
CA VAL B 241 -3.66 52.46 22.95
C VAL B 241 -4.74 51.96 23.91
N GLU B 242 -5.70 51.20 23.39
CA GLU B 242 -6.77 50.65 24.21
C GLU B 242 -6.37 49.28 24.74
N VAL B 243 -6.30 49.14 26.06
CA VAL B 243 -5.98 47.86 26.67
C VAL B 243 -7.20 46.95 26.71
N VAL B 244 -7.13 45.83 26.00
CA VAL B 244 -8.22 44.86 26.01
C VAL B 244 -8.06 43.86 27.14
N THR B 245 -8.76 44.13 28.23
CA THR B 245 -8.77 43.25 29.38
C THR B 245 -10.19 43.02 29.84
N GLY B 246 -10.96 44.11 29.89
CA GLY B 246 -12.36 44.06 30.28
C GLY B 246 -12.76 42.88 31.13
N GLU B 247 -13.86 42.24 30.76
CA GLU B 247 -14.40 41.10 31.49
C GLU B 247 -14.75 39.98 30.51
N GLY B 248 -14.13 38.81 30.69
CA GLY B 248 -14.28 37.73 29.75
C GLY B 248 -13.59 38.10 28.45
N LYS B 249 -12.75 39.12 28.53
CA LYS B 249 -12.00 39.61 27.38
C LYS B 249 -10.51 39.43 27.59
N GLU B 250 -10.11 38.17 27.80
CA GLU B 250 -8.71 37.84 27.98
C GLU B 250 -8.28 36.76 27.00
N LEU B 251 -7.00 36.79 26.65
CA LEU B 251 -6.41 35.75 25.82
C LEU B 251 -5.96 34.61 26.73
N PHE B 252 -5.91 33.40 26.17
CA PHE B 252 -5.39 32.25 26.90
C PHE B 252 -4.08 31.81 26.28
N SER B 253 -3.01 31.90 27.06
CA SER B 253 -1.68 31.58 26.56
C SER B 253 -1.17 30.28 27.17
N ASP B 254 -1.12 30.25 28.49
CA ASP B 254 -0.51 29.13 29.20
C ASP B 254 -1.55 28.26 29.88
N SER B 255 -2.78 28.30 29.37
CA SER B 255 -3.87 27.50 29.94
C SER B 255 -5.18 27.76 29.21
N LEU B 256 -6.12 26.84 29.39
CA LEU B 256 -7.49 27.03 28.90
C LEU B 256 -8.32 27.73 29.97
N ALA B 257 -9.64 27.71 29.81
CA ALA B 257 -10.53 28.25 30.82
C ALA B 257 -11.09 27.11 31.67
N PRO B 258 -11.41 27.41 32.95
CA PRO B 258 -11.93 26.41 33.88
C PRO B 258 -13.18 25.72 33.34
N GLU B 259 -13.40 24.47 33.74
CA GLU B 259 -14.65 23.79 33.40
C GLU B 259 -15.78 24.42 34.20
N GLY B 260 -16.78 24.95 33.50
CA GLY B 260 -16.77 24.97 32.06
C GLY B 260 -17.15 26.36 31.59
N GLU B 261 -16.20 27.09 31.04
CA GLU B 261 -16.45 28.43 30.52
C GLU B 261 -16.13 28.45 29.02
N GLU B 262 -16.07 29.64 28.43
CA GLU B 262 -15.88 29.79 27.00
C GLU B 262 -14.58 29.20 26.48
N GLY B 263 -13.47 29.49 27.16
CA GLY B 263 -12.19 28.93 26.80
C GLY B 263 -12.06 27.49 27.26
N ASP B 264 -13.21 26.84 27.45
CA ASP B 264 -13.28 25.48 27.96
C ASP B 264 -12.29 24.54 27.25
N THR B 265 -12.55 24.24 25.99
CA THR B 265 -11.71 23.33 25.23
C THR B 265 -10.60 24.09 24.51
N PHE B 266 -9.71 23.36 23.87
CA PHE B 266 -8.61 23.96 23.14
C PHE B 266 -9.12 24.73 21.93
N ILE B 267 -9.92 24.06 21.11
CA ILE B 267 -10.47 24.69 19.92
C ILE B 267 -11.25 25.94 20.29
N ASP B 268 -12.15 25.80 21.26
CA ASP B 268 -12.93 26.94 21.73
C ASP B 268 -12.03 28.01 22.33
N MET B 269 -10.89 27.59 22.87
CA MET B 269 -9.91 28.54 23.40
C MET B 269 -9.29 29.31 22.25
N TYR B 270 -8.99 28.59 21.16
CA TYR B 270 -8.38 29.19 19.99
C TYR B 270 -9.33 30.20 19.36
N LYS B 271 -10.53 29.74 19.01
CA LYS B 271 -11.54 30.59 18.42
C LYS B 271 -11.75 31.87 19.24
N HIS B 272 -11.82 31.71 20.56
CA HIS B 272 -11.96 32.85 21.44
C HIS B 272 -10.80 33.83 21.24
N ASN B 273 -9.58 33.32 21.30
CA ASN B 273 -8.41 34.14 21.06
C ASN B 273 -8.53 34.87 19.73
N VAL B 274 -8.84 34.11 18.68
CA VAL B 274 -8.94 34.67 17.34
C VAL B 274 -9.98 35.77 17.23
N LYS B 275 -11.22 35.44 17.55
CA LYS B 275 -12.31 36.43 17.49
C LYS B 275 -11.93 37.71 18.23
N LEU B 276 -11.42 37.56 19.44
CA LEU B 276 -11.06 38.69 20.28
C LEU B 276 -10.08 39.61 19.55
N MET B 277 -9.20 39.01 18.76
CA MET B 277 -8.17 39.78 18.05
C MET B 277 -8.76 40.64 16.94
N VAL B 278 -9.53 40.02 16.06
CA VAL B 278 -10.07 40.74 14.91
C VAL B 278 -10.91 41.91 15.38
N LYS B 279 -11.73 41.69 16.39
CA LYS B 279 -12.63 42.73 16.88
C LYS B 279 -11.85 43.99 17.18
N TYR B 280 -10.69 43.84 17.79
CA TYR B 280 -9.90 44.98 18.22
C TYR B 280 -8.73 45.27 17.29
N LEU B 281 -8.63 44.51 16.21
CA LEU B 281 -7.54 44.73 15.25
C LEU B 281 -8.06 45.00 13.85
N LYS B 282 -9.24 44.49 13.55
CA LYS B 282 -9.82 44.67 12.22
C LYS B 282 -10.36 46.09 12.04
N SER C 5 -1.96 -45.44 -11.16
CA SER C 5 -1.58 -46.36 -12.22
C SER C 5 -1.02 -45.60 -13.43
N LYS C 6 -1.75 -44.58 -13.87
CA LYS C 6 -1.34 -43.76 -15.01
C LYS C 6 0.10 -43.30 -14.89
N PRO C 7 0.82 -43.25 -16.03
CA PRO C 7 2.21 -42.80 -16.09
C PRO C 7 2.35 -41.35 -15.68
N ARG C 8 3.28 -41.06 -14.76
CA ARG C 8 3.52 -39.70 -14.33
C ARG C 8 4.53 -39.01 -15.24
N VAL C 9 4.15 -37.86 -15.78
CA VAL C 9 5.02 -37.10 -16.66
C VAL C 9 5.22 -35.68 -16.15
N ALA C 10 6.22 -35.48 -15.30
CA ALA C 10 6.52 -34.17 -14.77
C ALA C 10 6.80 -33.18 -15.88
N VAL C 11 6.16 -32.02 -15.83
CA VAL C 11 6.36 -31.00 -16.84
C VAL C 11 6.79 -29.68 -16.19
N THR C 12 7.80 -29.05 -16.77
CA THR C 12 8.34 -27.81 -16.22
C THR C 12 7.35 -26.65 -16.32
N THR C 13 6.96 -26.31 -17.55
CA THR C 13 6.13 -25.14 -17.78
C THR C 13 4.71 -25.49 -18.23
N SER C 14 3.89 -24.44 -18.36
CA SER C 14 2.53 -24.59 -18.85
C SER C 14 2.53 -24.99 -20.31
N PHE C 15 3.56 -24.59 -21.03
CA PHE C 15 3.70 -24.93 -22.43
C PHE C 15 3.66 -26.44 -22.62
N LEU C 16 4.52 -27.14 -21.89
CA LEU C 16 4.62 -28.57 -22.00
C LEU C 16 3.40 -29.26 -21.39
N ASN C 17 2.81 -28.63 -20.39
CA ASN C 17 1.59 -29.15 -19.79
C ASN C 17 0.46 -29.17 -20.81
N ASP C 18 0.40 -28.10 -21.61
CA ASP C 18 -0.54 -28.03 -22.71
C ASP C 18 -0.22 -29.10 -23.75
N MET C 19 1.00 -29.05 -24.27
CA MET C 19 1.44 -29.99 -25.30
C MET C 19 1.10 -31.43 -24.94
N VAL C 20 1.63 -31.91 -23.82
CA VAL C 20 1.40 -33.29 -23.39
C VAL C 20 -0.07 -33.66 -23.47
N TYR C 21 -0.94 -32.83 -22.88
CA TYR C 21 -2.36 -33.06 -22.94
C TYR C 21 -2.84 -33.11 -24.39
N GLN C 22 -2.38 -32.16 -25.20
CA GLN C 22 -2.72 -32.12 -26.61
C GLN C 22 -2.36 -33.43 -27.30
N LEU C 23 -1.39 -34.13 -26.71
CA LEU C 23 -0.89 -35.38 -27.29
C LEU C 23 -1.48 -36.60 -26.60
N ALA C 24 -1.23 -36.71 -25.30
CA ALA C 24 -1.61 -37.88 -24.52
C ALA C 24 -2.99 -37.73 -23.90
N GLY C 25 -3.62 -36.58 -24.09
CA GLY C 25 -4.93 -36.31 -23.51
C GLY C 25 -4.95 -36.63 -22.04
N ASP C 26 -5.85 -37.53 -21.65
CA ASP C 26 -5.99 -37.94 -20.25
C ASP C 26 -5.39 -39.32 -20.01
N GLU C 27 -4.53 -39.76 -20.92
CA GLU C 27 -3.91 -41.07 -20.80
C GLU C 27 -2.74 -41.06 -19.82
N VAL C 28 -2.12 -39.90 -19.66
CA VAL C 28 -0.99 -39.76 -18.75
C VAL C 28 -1.33 -38.83 -17.59
N GLU C 29 -0.47 -38.82 -16.58
CA GLU C 29 -0.65 -37.95 -15.42
C GLU C 29 0.50 -36.95 -15.35
N ARG C 30 0.24 -35.72 -15.73
CA ARG C 30 1.27 -34.69 -15.77
C ARG C 30 1.44 -33.96 -14.44
N ASP C 31 2.69 -33.63 -14.13
CA ASP C 31 3.03 -32.97 -12.88
C ASP C 31 3.72 -31.64 -13.14
N LEU C 32 2.92 -30.58 -13.29
CA LEU C 32 3.46 -29.26 -13.55
C LEU C 32 4.19 -28.73 -12.33
N LEU C 33 5.44 -28.30 -12.52
CA LEU C 33 6.24 -27.81 -11.42
C LEU C 33 6.13 -26.29 -11.31
N ILE C 34 6.41 -25.62 -12.41
CA ILE C 34 6.31 -24.16 -12.48
C ILE C 34 4.90 -23.76 -12.87
N PRO C 35 4.19 -23.07 -11.96
CA PRO C 35 2.83 -22.59 -12.22
C PRO C 35 2.77 -21.55 -13.32
N ALA C 36 1.64 -21.48 -14.02
CA ALA C 36 1.44 -20.51 -15.09
C ALA C 36 1.48 -19.09 -14.53
N GLY C 37 2.29 -18.25 -15.15
CA GLY C 37 2.46 -16.89 -14.70
C GLY C 37 3.87 -16.65 -14.18
N GLU C 38 4.42 -17.65 -13.52
CA GLU C 38 5.77 -17.56 -12.97
C GLU C 38 6.82 -17.52 -14.09
N ASP C 39 8.07 -17.31 -13.70
CA ASP C 39 9.17 -17.19 -14.67
C ASP C 39 10.22 -18.26 -14.46
N PRO C 40 10.37 -19.15 -15.45
CA PRO C 40 11.34 -20.25 -15.40
C PRO C 40 12.78 -19.75 -15.27
N HIS C 41 13.10 -18.64 -15.93
CA HIS C 41 14.43 -18.05 -15.86
C HIS C 41 14.92 -17.91 -14.42
N LEU C 42 13.99 -17.82 -13.49
CA LEU C 42 14.33 -17.55 -12.10
C LEU C 42 13.87 -18.67 -11.16
N TYR C 43 12.96 -19.50 -11.64
CA TYR C 43 12.36 -20.55 -10.82
C TYR C 43 13.42 -21.46 -10.20
N VAL C 44 13.43 -21.54 -8.88
CA VAL C 44 14.35 -22.40 -8.16
C VAL C 44 13.62 -23.63 -7.66
N ALA C 45 14.15 -24.80 -7.98
CA ALA C 45 13.51 -26.05 -7.59
C ALA C 45 13.60 -26.27 -6.09
N LYS C 46 12.46 -26.53 -5.46
CA LYS C 46 12.42 -26.79 -4.02
C LYS C 46 12.28 -28.28 -3.73
N SER C 47 12.26 -28.64 -2.45
CA SER C 47 12.18 -30.04 -2.03
C SER C 47 11.16 -30.83 -2.84
N SER C 48 9.91 -30.38 -2.81
CA SER C 48 8.82 -31.06 -3.49
C SER C 48 9.01 -31.15 -5.00
N ASP C 49 9.53 -30.07 -5.58
CA ASP C 49 9.79 -30.05 -7.01
C ASP C 49 10.69 -31.22 -7.39
N LEU C 50 11.92 -31.21 -6.88
CA LEU C 50 12.87 -32.28 -7.13
C LEU C 50 12.23 -33.63 -6.80
N SER C 51 11.33 -33.63 -5.83
CA SER C 51 10.60 -34.83 -5.46
C SER C 51 9.78 -35.35 -6.65
N LYS C 52 9.01 -34.46 -7.26
CA LYS C 52 8.20 -34.82 -8.42
C LYS C 52 9.06 -35.37 -9.55
N LEU C 53 10.18 -34.69 -9.82
CA LEU C 53 11.11 -35.12 -10.85
C LEU C 53 11.58 -36.55 -10.59
N GLN C 54 11.84 -36.84 -9.33
CA GLN C 54 12.34 -38.14 -8.92
C GLN C 54 11.24 -39.20 -9.06
N LYS C 55 10.03 -38.83 -8.68
CA LYS C 55 8.88 -39.74 -8.74
C LYS C 55 8.43 -39.97 -10.17
N ALA C 56 8.80 -39.05 -11.06
CA ALA C 56 8.32 -39.07 -12.44
C ALA C 56 8.82 -40.25 -13.25
N ASP C 57 7.92 -40.80 -14.06
CA ASP C 57 8.29 -41.87 -15.00
C ASP C 57 8.91 -41.23 -16.23
N LEU C 58 8.45 -40.03 -16.57
CA LEU C 58 8.98 -39.26 -17.68
C LEU C 58 9.06 -37.78 -17.30
N VAL C 59 10.19 -37.15 -17.60
CA VAL C 59 10.37 -35.73 -17.34
C VAL C 59 10.66 -34.99 -18.64
N LEU C 60 9.85 -33.98 -18.94
CA LEU C 60 10.00 -33.21 -20.17
C LEU C 60 10.22 -31.72 -19.89
N TYR C 61 11.19 -31.14 -20.59
CA TYR C 61 11.51 -29.73 -20.41
C TYR C 61 12.04 -29.13 -21.71
N HIS C 62 12.04 -27.79 -21.78
CA HIS C 62 12.52 -27.09 -22.97
C HIS C 62 14.00 -27.32 -23.19
N GLY C 63 14.81 -26.70 -22.34
CA GLY C 63 16.25 -26.78 -22.46
C GLY C 63 16.85 -25.41 -22.72
N LEU C 64 17.99 -25.38 -23.40
CA LEU C 64 18.64 -24.12 -23.76
C LEU C 64 18.81 -23.21 -22.55
N HIS C 65 18.83 -23.80 -21.36
CA HIS C 65 19.01 -23.05 -20.12
C HIS C 65 17.83 -22.12 -19.82
N PHE C 66 16.67 -22.42 -20.41
CA PHE C 66 15.48 -21.61 -20.18
C PHE C 66 15.04 -21.68 -18.72
N GLU C 67 14.88 -22.90 -18.20
CA GLU C 67 14.56 -23.10 -16.79
C GLU C 67 15.62 -22.44 -15.91
N GLY C 68 16.78 -22.20 -16.49
CA GLY C 68 17.82 -21.38 -15.87
C GLY C 68 18.49 -21.96 -14.64
N LYS C 69 17.71 -22.22 -13.60
CA LYS C 69 18.26 -22.63 -12.32
C LYS C 69 17.99 -24.09 -12.00
N MET C 70 17.82 -24.91 -13.02
CA MET C 70 17.56 -26.33 -12.82
C MET C 70 18.27 -27.16 -13.88
N VAL C 71 19.26 -26.57 -14.53
CA VAL C 71 20.00 -27.25 -15.58
C VAL C 71 20.64 -28.53 -15.06
N GLU C 72 21.21 -28.46 -13.86
CA GLU C 72 21.89 -29.61 -13.26
C GLU C 72 20.93 -30.60 -12.60
N ALA C 73 19.66 -30.53 -12.99
CA ALA C 73 18.64 -31.43 -12.47
C ALA C 73 17.74 -31.95 -13.57
N LEU C 74 17.60 -31.15 -14.62
CA LEU C 74 16.80 -31.52 -15.78
C LEU C 74 17.63 -32.37 -16.74
N GLU C 75 18.86 -31.93 -16.99
CA GLU C 75 19.78 -32.67 -17.84
C GLU C 75 20.04 -34.05 -17.25
N LYS C 76 19.77 -34.19 -15.96
CA LYS C 76 20.12 -35.40 -15.23
C LYS C 76 19.01 -36.44 -15.28
N THR C 77 17.76 -35.98 -15.25
CA THR C 77 16.62 -36.89 -15.15
C THR C 77 15.66 -36.81 -16.33
N GLY C 78 15.72 -35.71 -17.09
CA GLY C 78 14.72 -35.45 -18.10
C GLY C 78 15.19 -35.37 -19.53
N VAL C 79 14.24 -35.17 -20.44
CA VAL C 79 14.50 -35.05 -21.87
C VAL C 79 14.05 -33.71 -22.42
N ALA C 80 14.99 -32.95 -22.97
CA ALA C 80 14.67 -31.65 -23.54
C ALA C 80 13.94 -31.83 -24.87
N VAL C 81 12.83 -31.12 -25.03
CA VAL C 81 12.08 -31.16 -26.28
C VAL C 81 12.86 -30.45 -27.38
N SER C 82 14.04 -29.97 -27.03
CA SER C 82 14.90 -29.28 -27.99
C SER C 82 16.12 -30.12 -28.32
N LYS C 83 16.02 -31.43 -28.12
CA LYS C 83 17.15 -32.31 -28.34
C LYS C 83 17.51 -32.46 -29.81
N ASN C 84 16.54 -32.25 -30.69
CA ASN C 84 16.76 -32.42 -32.13
C ASN C 84 17.02 -31.12 -32.87
N PHE C 85 17.26 -30.05 -32.12
CA PHE C 85 17.59 -28.77 -32.73
C PHE C 85 18.99 -28.81 -33.31
N ASN C 86 19.21 -28.00 -34.36
CA ASN C 86 20.54 -27.86 -34.95
C ASN C 86 21.11 -26.47 -34.69
N ALA C 87 22.36 -26.28 -35.06
CA ALA C 87 23.03 -24.99 -34.83
C ALA C 87 22.26 -23.84 -35.49
N LYS C 88 22.01 -23.97 -36.80
CA LYS C 88 21.36 -22.91 -37.56
C LYS C 88 19.95 -22.62 -37.07
N ASP C 89 19.37 -23.56 -36.33
CA ASP C 89 18.06 -23.35 -35.74
C ASP C 89 18.16 -22.35 -34.61
N LEU C 90 19.29 -22.36 -33.91
CA LEU C 90 19.47 -21.58 -32.70
C LEU C 90 19.63 -20.09 -32.96
N ASN C 91 19.20 -19.30 -31.98
CA ASN C 91 19.43 -17.87 -31.95
C ASN C 91 20.50 -17.58 -30.90
N THR C 92 21.53 -16.80 -31.26
CA THR C 92 22.65 -16.59 -30.35
C THR C 92 23.11 -15.14 -30.23
N MET C 93 23.15 -14.63 -29.00
CA MET C 93 23.70 -13.31 -28.73
C MET C 93 25.07 -13.48 -28.10
N ASP C 94 25.82 -12.39 -27.98
CA ASP C 94 27.23 -12.49 -27.61
C ASP C 94 27.61 -11.80 -26.31
N GLU C 95 26.71 -10.96 -25.79
CA GLU C 95 27.00 -10.17 -24.60
C GLU C 95 27.83 -10.93 -23.56
N ASP C 96 28.79 -10.24 -22.97
CA ASP C 96 29.59 -10.78 -21.86
C ASP C 96 30.33 -12.08 -22.19
N GLY C 97 30.82 -12.25 -23.41
CA GLY C 97 31.69 -13.38 -23.76
C GLY C 97 31.40 -14.88 -23.59
N GLU C 98 30.61 -15.43 -24.51
CA GLU C 98 30.58 -16.82 -24.97
C GLU C 98 29.20 -16.64 -25.59
N GLU C 99 29.01 -17.21 -26.77
CA GLU C 99 27.72 -17.14 -27.43
C GLU C 99 26.63 -17.82 -26.61
N ILE C 100 25.71 -17.01 -26.10
CA ILE C 100 24.58 -17.51 -25.33
C ILE C 100 23.40 -17.81 -26.26
N VAL C 101 22.64 -18.85 -25.94
CA VAL C 101 21.52 -19.28 -26.79
C VAL C 101 20.17 -18.70 -26.36
N ASP C 102 19.36 -18.33 -27.34
CA ASP C 102 18.01 -17.84 -27.08
C ASP C 102 17.04 -19.01 -26.90
N PRO C 103 16.51 -19.16 -25.69
CA PRO C 103 15.64 -20.29 -25.34
C PRO C 103 14.24 -20.17 -25.92
N HIS C 104 13.82 -18.95 -26.24
CA HIS C 104 12.46 -18.70 -26.71
C HIS C 104 12.23 -19.23 -28.12
N PHE C 105 12.34 -20.54 -28.28
CA PHE C 105 12.24 -21.17 -29.59
C PHE C 105 10.79 -21.40 -30.02
N TRP C 106 9.88 -21.44 -29.05
CA TRP C 106 8.49 -21.79 -29.32
C TRP C 106 7.78 -20.79 -30.22
N PHE C 107 8.33 -19.58 -30.33
CA PHE C 107 7.74 -18.57 -31.20
C PHE C 107 8.13 -18.78 -32.65
N SER C 108 8.93 -19.80 -32.89
CA SER C 108 9.19 -20.30 -34.24
C SER C 108 8.40 -21.60 -34.39
N ILE C 109 7.17 -21.48 -34.88
CA ILE C 109 6.28 -22.63 -35.03
C ILE C 109 7.02 -23.88 -35.51
N PRO C 110 7.82 -23.75 -36.58
CA PRO C 110 8.63 -24.87 -37.04
C PRO C 110 9.34 -25.55 -35.87
N LEU C 111 10.13 -24.77 -35.15
CA LEU C 111 10.84 -25.27 -33.99
C LEU C 111 9.90 -25.90 -32.97
N TYR C 112 8.74 -25.27 -32.76
CA TYR C 112 7.77 -25.81 -31.82
C TYR C 112 7.25 -27.16 -32.32
N LYS C 113 7.04 -27.25 -33.63
CA LYS C 113 6.64 -28.52 -34.23
C LYS C 113 7.73 -29.55 -34.01
N SER C 114 8.98 -29.08 -33.92
CA SER C 114 10.11 -29.96 -33.66
C SER C 114 10.06 -30.46 -32.22
N ALA C 115 9.62 -29.59 -31.32
CA ALA C 115 9.50 -29.96 -29.91
C ALA C 115 8.33 -30.94 -29.72
N VAL C 116 7.22 -30.62 -30.36
CA VAL C 116 6.04 -31.47 -30.34
C VAL C 116 6.41 -32.91 -30.67
N ALA C 117 7.26 -33.08 -31.68
CA ALA C 117 7.66 -34.40 -32.14
C ALA C 117 8.37 -35.20 -31.05
N VAL C 118 9.32 -34.56 -30.37
CA VAL C 118 10.05 -35.21 -29.29
C VAL C 118 9.12 -35.67 -28.18
N ALA C 119 8.22 -34.78 -27.76
CA ALA C 119 7.24 -35.12 -26.74
C ALA C 119 6.41 -36.31 -27.19
N SER C 120 6.03 -36.29 -28.47
CA SER C 120 5.25 -37.37 -29.07
C SER C 120 5.92 -38.72 -28.82
N GLU C 121 7.13 -38.88 -29.35
CA GLU C 121 7.83 -40.16 -29.31
C GLU C 121 8.12 -40.63 -27.89
N GLU C 122 8.43 -39.71 -26.99
CA GLU C 122 8.67 -40.05 -25.61
C GLU C 122 7.43 -40.60 -24.93
N LEU C 123 6.29 -39.98 -25.21
CA LEU C 123 5.01 -40.46 -24.70
C LEU C 123 4.67 -41.82 -25.31
N GLN C 124 4.88 -41.96 -26.61
CA GLN C 124 4.66 -43.23 -27.28
C GLN C 124 5.52 -44.31 -26.64
N LYS C 125 6.79 -43.98 -26.43
CA LYS C 125 7.71 -44.89 -25.77
C LYS C 125 7.21 -45.26 -24.38
N LEU C 126 6.44 -44.35 -23.78
CA LEU C 126 5.91 -44.56 -22.45
C LEU C 126 4.67 -45.45 -22.52
N LEU C 127 3.78 -45.15 -23.46
CA LEU C 127 2.56 -45.94 -23.65
C LEU C 127 2.59 -46.68 -24.97
N PRO C 128 3.23 -47.86 -25.00
CA PRO C 128 3.26 -48.67 -26.21
C PRO C 128 1.85 -48.97 -26.71
N ALA C 129 0.93 -49.11 -25.75
CA ALA C 129 -0.46 -49.42 -26.07
C ALA C 129 -1.13 -48.28 -26.83
N LYS C 130 -0.94 -47.06 -26.34
CA LYS C 130 -1.59 -45.89 -26.95
C LYS C 130 -0.66 -45.17 -27.92
N ALA C 131 0.39 -45.86 -28.36
CA ALA C 131 1.37 -45.28 -29.27
C ALA C 131 0.73 -44.74 -30.55
N GLU C 132 0.03 -45.61 -31.28
CA GLU C 132 -0.62 -45.20 -32.52
C GLU C 132 -1.64 -44.09 -32.26
N MET C 133 -2.44 -44.24 -31.21
CA MET C 133 -3.41 -43.23 -30.83
C MET C 133 -2.73 -41.88 -30.65
N ILE C 134 -1.59 -41.89 -29.96
CA ILE C 134 -0.80 -40.69 -29.78
C ILE C 134 -0.34 -40.15 -31.11
N GLN C 135 0.18 -41.03 -31.96
CA GLN C 135 0.60 -40.64 -33.30
C GLN C 135 -0.55 -39.90 -33.99
N LYS C 136 -1.72 -40.52 -33.98
CA LYS C 136 -2.93 -39.95 -34.58
C LYS C 136 -3.19 -38.57 -34.01
N ASN C 137 -3.06 -38.44 -32.69
CA ASN C 137 -3.24 -37.17 -32.02
C ASN C 137 -2.14 -36.17 -32.38
N THR C 138 -0.92 -36.67 -32.51
CA THR C 138 0.21 -35.84 -32.87
C THR C 138 0.00 -35.17 -34.23
N GLU C 139 -0.30 -36.00 -35.23
CA GLU C 139 -0.52 -35.51 -36.59
C GLU C 139 -1.57 -34.39 -36.61
N LYS C 140 -2.68 -34.62 -35.93
CA LYS C 140 -3.74 -33.62 -35.87
C LYS C 140 -3.18 -32.30 -35.37
N TYR C 141 -2.57 -32.31 -34.18
CA TYR C 141 -2.02 -31.10 -33.59
C TYR C 141 -0.95 -30.48 -34.50
N GLN C 142 -0.06 -31.32 -35.04
CA GLN C 142 0.93 -30.86 -35.99
C GLN C 142 0.23 -30.08 -37.09
N ALA C 143 -0.87 -30.63 -37.60
CA ALA C 143 -1.65 -29.98 -38.63
C ALA C 143 -2.21 -28.66 -38.13
N GLN C 144 -2.63 -28.63 -36.86
CA GLN C 144 -3.19 -27.43 -36.26
C GLN C 144 -2.15 -26.33 -36.14
N LEU C 145 -0.92 -26.72 -35.80
CA LEU C 145 0.19 -25.77 -35.74
C LEU C 145 0.47 -25.22 -37.13
N ASP C 146 0.25 -26.05 -38.15
CA ASP C 146 0.41 -25.63 -39.53
C ASP C 146 -0.58 -24.52 -39.85
N ASP C 147 -1.87 -24.81 -39.70
CA ASP C 147 -2.91 -23.82 -39.93
C ASP C 147 -2.60 -22.55 -39.16
N LEU C 148 -2.06 -22.71 -37.96
CA LEU C 148 -1.68 -21.59 -37.12
C LEU C 148 -0.69 -20.68 -37.84
N HIS C 149 0.37 -21.28 -38.39
CA HIS C 149 1.40 -20.52 -39.09
C HIS C 149 0.80 -19.64 -40.17
N ALA C 150 -0.15 -20.19 -40.91
CA ALA C 150 -0.81 -19.45 -41.98
C ALA C 150 -1.67 -18.32 -41.42
N TRP C 151 -2.28 -18.56 -40.27
CA TRP C 151 -3.12 -17.56 -39.62
C TRP C 151 -2.30 -16.36 -39.19
N VAL C 152 -1.16 -16.62 -38.55
CA VAL C 152 -0.27 -15.56 -38.10
C VAL C 152 0.13 -14.68 -39.27
N GLU C 153 0.58 -15.33 -40.34
CA GLU C 153 0.98 -14.63 -41.55
C GLU C 153 -0.13 -13.68 -42.02
N LYS C 154 -1.28 -14.25 -42.38
CA LYS C 154 -2.40 -13.46 -42.88
C LYS C 154 -2.81 -12.39 -41.88
N GLU C 155 -2.63 -12.68 -40.60
CA GLU C 155 -3.00 -11.74 -39.55
C GLU C 155 -2.01 -10.58 -39.49
N LEU C 156 -0.72 -10.90 -39.57
CA LEU C 156 0.34 -9.91 -39.47
C LEU C 156 0.50 -9.11 -40.75
N SER C 157 0.08 -9.70 -41.87
CA SER C 157 0.25 -9.08 -43.18
C SER C 157 -0.40 -7.70 -43.24
N VAL C 158 -1.19 -7.37 -42.23
CA VAL C 158 -1.92 -6.11 -42.21
C VAL C 158 -1.09 -4.98 -41.59
N ILE C 159 0.03 -5.34 -40.96
CA ILE C 159 0.88 -4.33 -40.31
C ILE C 159 1.94 -3.78 -41.27
N PRO C 160 1.98 -2.44 -41.42
CA PRO C 160 2.91 -1.75 -42.31
C PRO C 160 4.37 -2.11 -42.03
N LYS C 161 5.21 -2.02 -43.05
CA LYS C 161 6.61 -2.40 -42.94
C LYS C 161 7.33 -1.51 -41.93
N GLU C 162 7.03 -0.22 -41.95
CA GLU C 162 7.64 0.72 -41.03
C GLU C 162 7.14 0.48 -39.61
N SER C 163 6.00 -0.19 -39.51
CA SER C 163 5.39 -0.44 -38.20
C SER C 163 5.63 -1.87 -37.73
N ARG C 164 6.64 -2.52 -38.31
CA ARG C 164 7.00 -3.87 -37.91
C ARG C 164 8.08 -3.86 -36.83
N TYR C 165 7.88 -3.03 -35.81
CA TYR C 165 8.83 -2.93 -34.71
C TYR C 165 8.15 -3.24 -33.38
N LEU C 166 8.55 -4.35 -32.78
CA LEU C 166 7.97 -4.81 -31.53
C LEU C 166 8.87 -4.48 -30.34
N VAL C 167 8.30 -3.87 -29.31
CA VAL C 167 9.03 -3.55 -28.10
C VAL C 167 8.50 -4.35 -26.92
N THR C 168 9.38 -5.13 -26.30
CA THR C 168 8.99 -5.98 -25.19
C THR C 168 9.97 -5.84 -24.03
N PRO C 169 9.51 -6.19 -22.82
CA PRO C 169 10.33 -6.11 -21.60
C PRO C 169 11.70 -6.76 -21.74
N HIS C 170 11.79 -7.85 -22.49
CA HIS C 170 13.07 -8.52 -22.69
C HIS C 170 13.07 -9.36 -23.96
N ASP C 171 14.26 -9.62 -24.48
CA ASP C 171 14.42 -10.43 -25.68
C ASP C 171 13.82 -11.83 -25.53
N ALA C 172 12.69 -12.06 -26.17
CA ALA C 172 12.00 -13.34 -26.10
C ALA C 172 11.26 -13.65 -27.39
N PHE C 173 11.27 -12.70 -28.32
CA PHE C 173 10.51 -12.85 -29.56
C PHE C 173 11.42 -12.85 -30.79
N ASN C 174 12.69 -13.13 -30.58
CA ASN C 174 13.65 -13.15 -31.68
C ASN C 174 13.28 -14.17 -32.74
N TYR C 175 12.83 -15.34 -32.28
CA TYR C 175 12.37 -16.38 -33.19
C TYR C 175 11.10 -15.93 -33.88
N PHE C 176 10.29 -15.16 -33.16
CA PHE C 176 9.06 -14.61 -33.69
C PHE C 176 9.36 -13.63 -34.81
N ALA C 177 10.08 -12.56 -34.48
CA ALA C 177 10.46 -11.54 -35.44
C ALA C 177 11.10 -12.18 -36.66
N ALA C 178 11.97 -13.16 -36.41
CA ALA C 178 12.66 -13.87 -37.48
C ALA C 178 11.68 -14.54 -38.43
N SER C 179 10.60 -15.10 -37.87
CA SER C 179 9.63 -15.84 -38.67
C SER C 179 8.68 -14.96 -39.46
N TYR C 180 8.57 -13.70 -39.05
CA TYR C 180 7.59 -12.80 -39.67
C TYR C 180 8.15 -11.44 -40.01
N ASP C 181 9.37 -11.40 -40.52
CA ASP C 181 10.01 -10.14 -40.90
C ASP C 181 9.70 -9.05 -39.90
N PHE C 182 10.30 -9.14 -38.72
CA PHE C 182 10.06 -8.16 -37.66
C PHE C 182 11.35 -7.70 -37.00
N THR C 183 11.27 -6.57 -36.32
CA THR C 183 12.40 -6.05 -35.56
C THR C 183 12.04 -5.92 -34.09
N LEU C 184 12.80 -6.60 -33.23
CA LEU C 184 12.51 -6.63 -31.80
C LEU C 184 13.54 -5.87 -30.98
N TYR C 185 13.06 -4.98 -30.12
CA TYR C 185 13.90 -4.29 -29.17
C TYR C 185 13.46 -4.64 -27.75
N ALA C 186 14.40 -4.59 -26.82
CA ALA C 186 14.09 -4.88 -25.42
C ALA C 186 15.15 -4.29 -24.49
N PRO C 187 14.70 -3.68 -23.38
CA PRO C 187 15.59 -3.10 -22.39
C PRO C 187 16.38 -4.18 -21.65
N GLN C 188 15.98 -5.43 -21.83
CA GLN C 188 16.68 -6.55 -21.22
C GLN C 188 16.98 -7.65 -22.24
N GLY C 189 18.05 -8.40 -21.97
CA GLY C 189 18.48 -9.45 -22.88
C GLY C 189 17.51 -10.61 -22.98
N VAL C 190 18.05 -11.79 -23.28
CA VAL C 190 17.22 -12.97 -23.47
C VAL C 190 16.73 -13.54 -22.15
N SER C 191 17.60 -13.54 -21.14
CA SER C 191 17.23 -14.02 -19.82
C SER C 191 16.80 -12.86 -18.93
N THR C 192 15.84 -13.12 -18.05
CA THR C 192 15.32 -12.10 -17.16
C THR C 192 16.09 -12.08 -15.84
N ASP C 193 17.17 -12.85 -15.78
CA ASP C 193 17.96 -12.96 -14.56
C ASP C 193 19.09 -11.93 -14.52
N SER C 194 18.72 -10.64 -14.62
CA SER C 194 19.70 -9.57 -14.60
C SER C 194 19.04 -8.22 -14.34
N GLU C 195 19.80 -7.30 -13.76
CA GLU C 195 19.30 -5.95 -13.50
C GLU C 195 19.03 -5.21 -14.81
N VAL C 196 17.90 -4.54 -14.88
CA VAL C 196 17.53 -3.80 -16.09
C VAL C 196 18.48 -2.62 -16.32
N ALA C 197 19.43 -2.81 -17.23
CA ALA C 197 20.47 -1.82 -17.50
C ALA C 197 19.89 -0.46 -17.88
N ASN C 198 20.47 0.60 -17.31
CA ASN C 198 20.03 1.95 -17.59
C ASN C 198 20.42 2.39 -19.01
N SER C 199 21.52 1.86 -19.51
CA SER C 199 21.99 2.19 -20.86
C SER C 199 21.15 1.49 -21.93
N ASP C 200 20.65 0.31 -21.61
CA ASP C 200 19.79 -0.43 -22.54
C ASP C 200 18.42 0.22 -22.62
N MET C 201 17.96 0.77 -21.51
CA MET C 201 16.71 1.52 -21.49
C MET C 201 16.78 2.67 -22.48
N ILE C 202 17.81 3.50 -22.33
CA ILE C 202 18.05 4.61 -23.23
C ILE C 202 18.19 4.12 -24.66
N GLU C 203 19.03 3.10 -24.83
CA GLU C 203 19.22 2.48 -26.13
C GLU C 203 17.86 2.20 -26.77
N THR C 204 16.98 1.60 -25.98
CA THR C 204 15.63 1.30 -26.44
C THR C 204 14.88 2.60 -26.73
N VAL C 205 14.98 3.56 -25.82
CA VAL C 205 14.35 4.86 -26.00
C VAL C 205 14.70 5.44 -27.35
N ASN C 206 15.99 5.66 -27.57
CA ASN C 206 16.47 6.22 -28.82
C ASN C 206 15.94 5.46 -30.03
N LEU C 207 15.87 4.12 -29.91
CA LEU C 207 15.34 3.29 -30.98
C LEU C 207 13.89 3.63 -31.27
N ILE C 208 13.10 3.81 -30.22
CA ILE C 208 11.70 4.21 -30.36
C ILE C 208 11.63 5.52 -31.13
N ILE C 209 12.55 6.42 -30.81
CA ILE C 209 12.59 7.74 -31.42
C ILE C 209 13.00 7.66 -32.89
N ASP C 210 13.92 6.74 -33.17
CA ASP C 210 14.43 6.57 -34.52
C ASP C 210 13.35 6.06 -35.47
N HIS C 211 12.46 5.23 -34.94
CA HIS C 211 11.44 4.60 -35.77
C HIS C 211 10.03 5.09 -35.46
N ASN C 212 9.92 6.09 -34.58
CA ASN C 212 8.63 6.64 -34.22
C ASN C 212 7.64 5.53 -33.93
N ILE C 213 8.01 4.66 -32.99
CA ILE C 213 7.26 3.43 -32.73
C ILE C 213 5.85 3.66 -32.20
N LYS C 214 5.72 4.54 -31.21
CA LYS C 214 4.42 4.91 -30.67
C LYS C 214 3.72 3.81 -29.86
N ALA C 215 4.41 2.70 -29.64
CA ALA C 215 3.82 1.59 -28.88
C ALA C 215 4.87 0.62 -28.31
N ILE C 216 4.76 0.36 -27.01
CA ILE C 216 5.63 -0.62 -26.36
C ILE C 216 4.79 -1.65 -25.61
N PHE C 217 5.18 -2.92 -25.71
CA PHE C 217 4.35 -4.01 -25.20
C PHE C 217 4.73 -4.53 -23.81
N THR C 218 3.80 -5.27 -23.21
CA THR C 218 3.95 -5.77 -21.85
C THR C 218 3.65 -7.27 -21.76
N GLU C 219 4.42 -7.97 -20.93
CA GLU C 219 4.24 -9.40 -20.74
C GLU C 219 3.76 -9.75 -19.34
N SER C 220 3.21 -10.94 -19.19
CA SER C 220 2.58 -11.35 -17.94
C SER C 220 3.57 -11.86 -16.89
N THR C 221 4.82 -12.05 -17.29
CA THR C 221 5.80 -12.66 -16.41
C THR C 221 6.76 -11.67 -15.76
N THR C 222 6.66 -10.41 -16.14
CA THR C 222 7.53 -9.38 -15.56
C THR C 222 6.77 -8.18 -15.01
N ASN C 223 7.51 -7.26 -14.39
CA ASN C 223 6.94 -6.11 -13.73
C ASN C 223 6.67 -4.94 -14.70
N PRO C 224 5.40 -4.70 -15.04
CA PRO C 224 4.96 -3.70 -16.02
C PRO C 224 5.61 -2.33 -15.82
N GLU C 225 6.14 -2.06 -14.62
CA GLU C 225 6.74 -0.76 -14.32
C GLU C 225 7.85 -0.44 -15.31
N ARG C 226 8.72 -1.42 -15.55
CA ARG C 226 9.84 -1.24 -16.45
C ARG C 226 9.40 -0.57 -17.75
N MET C 227 8.23 -0.98 -18.25
CA MET C 227 7.72 -0.44 -19.51
C MET C 227 7.11 0.94 -19.30
N LYS C 228 6.57 1.18 -18.11
CA LYS C 228 6.03 2.50 -17.79
C LYS C 228 7.14 3.47 -17.43
N LYS C 229 8.27 2.92 -16.97
CA LYS C 229 9.45 3.73 -16.74
C LYS C 229 10.12 4.02 -18.09
N LEU C 230 9.96 3.10 -19.03
CA LEU C 230 10.51 3.26 -20.37
C LEU C 230 9.70 4.29 -21.16
N GLN C 231 8.40 4.29 -20.94
CA GLN C 231 7.51 5.25 -21.59
C GLN C 231 7.84 6.66 -21.13
N GLU C 232 8.17 6.78 -19.84
CA GLU C 232 8.47 8.08 -19.25
C GLU C 232 9.74 8.70 -19.82
N ALA C 233 10.75 7.86 -20.07
CA ALA C 233 12.00 8.33 -20.65
C ALA C 233 11.80 8.82 -22.07
N VAL C 234 10.91 8.14 -22.80
CA VAL C 234 10.57 8.57 -24.15
C VAL C 234 9.97 9.97 -24.12
N LYS C 235 8.95 10.15 -23.27
CA LYS C 235 8.31 11.44 -23.11
C LYS C 235 9.29 12.47 -22.54
N ALA C 236 10.30 11.99 -21.82
CA ALA C 236 11.34 12.86 -21.31
C ALA C 236 12.06 13.53 -22.46
N LYS C 237 12.11 12.84 -23.60
CA LYS C 237 12.65 13.41 -24.82
C LYS C 237 11.51 13.87 -25.73
N GLY C 238 10.28 13.58 -25.30
CA GLY C 238 9.09 14.03 -26.00
C GLY C 238 9.07 13.76 -27.48
N GLY C 239 8.70 12.53 -27.87
CA GLY C 239 8.42 11.49 -26.91
C GLY C 239 6.93 11.20 -26.70
N GLN C 240 6.42 10.21 -27.42
CA GLN C 240 5.03 9.80 -27.24
C GLN C 240 4.81 8.34 -27.64
N VAL C 241 4.74 7.47 -26.64
CA VAL C 241 4.52 6.04 -26.88
C VAL C 241 3.46 5.49 -25.95
N GLU C 242 2.45 4.83 -26.52
CA GLU C 242 1.39 4.22 -25.72
C GLU C 242 1.81 2.85 -25.20
N VAL C 243 1.97 2.74 -23.89
CA VAL C 243 2.36 1.47 -23.27
C VAL C 243 1.16 0.54 -23.12
N VAL C 244 1.11 -0.49 -23.96
CA VAL C 244 0.02 -1.45 -23.92
C VAL C 244 0.16 -2.45 -22.78
N THR C 245 -0.63 -2.24 -21.73
CA THR C 245 -0.63 -3.13 -20.58
C THR C 245 -2.11 -3.28 -20.27
N GLY C 246 -2.71 -2.20 -19.77
CA GLY C 246 -4.13 -2.17 -19.44
C GLY C 246 -4.55 -3.39 -18.65
N GLU C 247 -5.59 -4.05 -19.12
CA GLU C 247 -6.13 -5.24 -18.46
C GLU C 247 -6.41 -6.33 -19.48
N GLY C 248 -5.79 -7.49 -19.29
CA GLY C 248 -5.91 -8.57 -20.25
C GLY C 248 -5.14 -8.25 -21.51
N LYS C 249 -4.39 -7.15 -21.46
CA LYS C 249 -3.55 -6.74 -22.57
C LYS C 249 -2.10 -7.06 -22.26
N GLU C 250 -1.78 -8.34 -22.19
CA GLU C 250 -0.44 -8.78 -21.91
C GLU C 250 0.01 -9.85 -22.89
N LEU C 251 1.28 -9.78 -23.28
CA LEU C 251 1.87 -10.81 -24.13
C LEU C 251 2.41 -11.93 -23.28
N PHE C 252 2.24 -13.16 -23.74
CA PHE C 252 2.76 -14.32 -23.01
C PHE C 252 4.09 -14.75 -23.60
N SER C 253 5.18 -14.46 -22.89
CA SER C 253 6.51 -14.80 -23.37
C SER C 253 7.03 -16.05 -22.68
N ASP C 254 7.07 -16.02 -21.35
CA ASP C 254 7.70 -17.08 -20.59
C ASP C 254 6.70 -18.02 -19.95
N SER C 255 5.44 -17.91 -20.34
CA SER C 255 4.40 -18.79 -19.82
C SER C 255 3.07 -18.61 -20.53
N LEU C 256 2.22 -19.63 -20.43
CA LEU C 256 0.85 -19.55 -20.90
C LEU C 256 -0.01 -18.86 -19.85
N ALA C 257 -1.31 -18.80 -20.09
CA ALA C 257 -2.23 -18.26 -19.10
C ALA C 257 -2.80 -19.39 -18.25
N PRO C 258 -3.20 -19.06 -17.01
CA PRO C 258 -3.74 -20.07 -16.09
C PRO C 258 -4.81 -20.86 -16.82
N GLU C 259 -5.10 -22.07 -16.33
CA GLU C 259 -6.15 -22.89 -16.90
C GLU C 259 -7.45 -22.37 -17.50
N GLY C 260 -7.96 -21.28 -16.95
CA GLY C 260 -9.22 -20.73 -17.41
C GLY C 260 -9.69 -19.96 -18.63
N GLU C 261 -8.93 -18.95 -19.04
CA GLU C 261 -9.34 -18.12 -20.17
C GLU C 261 -8.32 -18.14 -21.30
N GLU C 262 -8.40 -17.15 -22.19
CA GLU C 262 -7.72 -17.17 -23.48
C GLU C 262 -6.29 -17.70 -23.64
N GLY C 263 -5.38 -17.21 -22.82
CA GLY C 263 -3.98 -17.59 -22.92
C GLY C 263 -3.95 -18.84 -22.08
N ASP C 264 -4.85 -19.77 -22.40
CA ASP C 264 -4.93 -21.08 -21.74
C ASP C 264 -3.94 -21.95 -22.52
N THR C 265 -4.24 -22.19 -23.79
CA THR C 265 -3.44 -23.10 -24.60
C THR C 265 -2.38 -22.37 -25.42
N PHE C 266 -1.40 -23.13 -25.91
CA PHE C 266 -0.32 -22.57 -26.71
C PHE C 266 -0.86 -21.86 -27.94
N ILE C 267 -1.65 -22.56 -28.75
CA ILE C 267 -2.20 -21.99 -29.96
C ILE C 267 -3.03 -20.75 -29.65
N ASP C 268 -3.82 -20.81 -28.59
CA ASP C 268 -4.61 -19.67 -28.16
C ASP C 268 -3.72 -18.53 -27.67
N MET C 269 -2.68 -18.88 -26.93
CA MET C 269 -1.69 -17.92 -26.47
C MET C 269 -1.09 -17.16 -27.65
N TYR C 270 -0.90 -17.87 -28.76
CA TYR C 270 -0.32 -17.28 -29.95
C TYR C 270 -1.27 -16.27 -30.57
N LYS C 271 -2.50 -16.69 -30.81
CA LYS C 271 -3.52 -15.80 -31.38
C LYS C 271 -3.69 -14.55 -30.54
N HIS C 272 -3.72 -14.75 -29.22
CA HIS C 272 -3.82 -13.64 -28.29
C HIS C 272 -2.70 -12.63 -28.52
N ASN C 273 -1.46 -13.13 -28.55
CA ASN C 273 -0.30 -12.28 -28.80
C ASN C 273 -0.38 -11.58 -30.16
N VAL C 274 -0.74 -12.35 -31.18
CA VAL C 274 -0.80 -11.84 -32.54
C VAL C 274 -1.83 -10.72 -32.70
N LYS C 275 -3.09 -11.03 -32.39
CA LYS C 275 -4.16 -10.03 -32.49
C LYS C 275 -3.80 -8.78 -31.70
N LEU C 276 -3.29 -8.97 -30.49
CA LEU C 276 -2.91 -7.85 -29.63
C LEU C 276 -1.94 -6.92 -30.36
N MET C 277 -0.95 -7.52 -31.01
CA MET C 277 0.07 -6.77 -31.72
C MET C 277 -0.53 -5.90 -32.82
N VAL C 278 -1.31 -6.51 -33.70
CA VAL C 278 -1.84 -5.80 -34.85
C VAL C 278 -2.66 -4.60 -34.43
N LYS C 279 -3.47 -4.78 -33.38
CA LYS C 279 -4.40 -3.73 -32.93
C LYS C 279 -3.68 -2.42 -32.66
N TYR C 280 -2.49 -2.49 -32.08
CA TYR C 280 -1.75 -1.28 -31.70
C TYR C 280 -0.56 -1.03 -32.61
N LEU C 281 -0.43 -1.82 -33.67
CA LEU C 281 0.70 -1.68 -34.57
C LEU C 281 0.27 -1.44 -36.01
N LYS C 282 -0.95 -1.85 -36.33
CA LYS C 282 -1.46 -1.72 -37.70
C LYS C 282 -1.97 -0.30 -37.98
#